data_9VSR
#
_entry.id   9VSR
#
_cell.length_a   1.00
_cell.length_b   1.00
_cell.length_c   1.00
_cell.angle_alpha   90.00
_cell.angle_beta   90.00
_cell.angle_gamma   90.00
#
_symmetry.space_group_name_H-M   'P 1'
#
loop_
_entity.id
_entity.type
_entity.pdbx_description
1 polymer 'Endosomal/lysosomal proton channel TMEM175'
2 non-polymer "3-{4-[(4-fluoro-4'-methyl[1,1'-biphenyl]-2-yl)methoxy]phenyl}propanoic acid"
3 non-polymer CHOLESTEROL
4 non-polymer (2S)-2-butyl-2-cyclohexyl-6,7-bis(fluoranyl)-5-[3-(1H-1,2,3,4-tetrazol-5-yl)propoxy]-3H-inden-1-one
5 non-polymer 'POTASSIUM ION'
6 water water
#
_entity_poly.entity_id   1
_entity_poly.type   'polypeptide(L)'
_entity_poly.pdbx_seq_one_letter_code
;MSQPRTPEQALDTPGDCPPGRRDEDAGEGIQCSQRMLSFSDALLSIIATVMILPVTHTEISPEQQFDRSVQRLLATRIAV
YLMTFLIVTVAWAAHTRLFQVVGKTDDTLALLNLACMMTITFLPYTFSLMVTFPDVPLGIFLFCVCVIAIGVVQALIVGY
AFHFPHLLSPQIQRSAHRALYRRHVLGIVLQGPALCFAAAIFSLFFVPLSYLLMVTVILLPYVSKVTGWCRDRLLGHREP
SAHPVEVFSFDLHEPLSKERVEAFSDGVYAIVATLLILDICEDNVPDPKDVKERFSGSLVAALSATGPRFLAYFGSFATV
GLLWFAHHSLFLHVRKATRAMGLLNTLSLAFVGGLPLAYQQTSAFARQPRDELERVRVSCTIIFLASIFQLAMWTTALLH
QAETLQPSVWFGGREHVLMFAKLALYPCASLLAFASTCLLSRFSVGIFHLMQIAVPCAFLLLRLLVGLALATLRVLRGLA
RPEHPPPAPTGQDDPQSQLLPAPC
;
_entity_poly.pdbx_strand_id   A,B
#
loop_
_chem_comp.id
_chem_comp.type
_chem_comp.name
_chem_comp.formula
A1ETE non-polymer (2S)-2-butyl-2-cyclohexyl-6,7-bis(fluoranyl)-5-[3-(1H-1,2,3,4-tetrazol-5-yl)propoxy]-3H-inden-1-one 'C23 H30 F2 N4 O2'
CLR non-polymer CHOLESTEROL 'C27 H46 O'
K non-polymer 'POTASSIUM ION' 'K 1'
YN9 non-polymer '3-{4-[(4-fluoro-4'-methyl[1,1'-biphenyl]-2-yl)methoxy]phenyl}propanoic acid' 'C23 H21 F O3'
#
# COMPACT_ATOMS: atom_id res chain seq x y z
N ILE A 30 -6.03 27.29 2.22
CA ILE A 30 -5.93 26.87 0.82
C ILE A 30 -4.57 26.26 0.55
N GLN A 31 -4.55 25.02 0.09
CA GLN A 31 -3.29 24.34 -0.19
C GLN A 31 -3.54 23.27 -1.24
N CYS A 32 -2.43 22.81 -1.84
CA CYS A 32 -2.51 21.81 -2.91
C CYS A 32 -3.01 20.47 -2.36
N SER A 33 -3.67 19.71 -3.24
CA SER A 33 -4.38 18.51 -2.82
C SER A 33 -3.88 17.24 -3.49
N GLN A 34 -2.65 17.24 -4.00
CA GLN A 34 -2.13 16.03 -4.64
C GLN A 34 -1.81 14.95 -3.61
N ARG A 35 -1.17 15.32 -2.50
CA ARG A 35 -0.73 14.31 -1.54
C ARG A 35 -1.92 13.73 -0.78
N MET A 36 -2.94 14.55 -0.50
CA MET A 36 -4.14 14.03 0.15
C MET A 36 -4.82 12.98 -0.72
N LEU A 37 -4.93 13.25 -2.01
CA LEU A 37 -5.53 12.28 -2.91
C LEU A 37 -4.64 11.06 -3.11
N SER A 38 -3.33 11.23 -3.04
CA SER A 38 -2.44 10.07 -3.10
C SER A 38 -2.65 9.16 -1.89
N PHE A 39 -2.77 9.76 -0.70
CA PHE A 39 -3.10 8.98 0.50
C PHE A 39 -4.45 8.30 0.35
N SER A 40 -5.42 9.00 -0.22
CA SER A 40 -6.73 8.41 -0.46
C SER A 40 -6.64 7.21 -1.39
N ASP A 41 -5.84 7.33 -2.46
CA ASP A 41 -5.67 6.20 -3.38
C ASP A 41 -4.99 5.03 -2.71
N ALA A 42 -4.00 5.29 -1.86
CA ALA A 42 -3.35 4.20 -1.12
C ALA A 42 -4.35 3.47 -0.22
N LEU A 43 -5.12 4.24 0.55
CA LEU A 43 -6.11 3.63 1.44
C LEU A 43 -7.15 2.86 0.64
N LEU A 44 -7.61 3.42 -0.48
CA LEU A 44 -8.65 2.76 -1.27
C LEU A 44 -8.14 1.51 -1.94
N SER A 45 -6.87 1.49 -2.40
CA SER A 45 -6.32 0.26 -2.93
C SER A 45 -6.20 -0.82 -1.86
N ILE A 46 -5.77 -0.44 -0.65
CA ILE A 46 -5.72 -1.41 0.43
C ILE A 46 -7.10 -1.97 0.73
N ILE A 47 -8.11 -1.10 0.77
CA ILE A 47 -9.47 -1.54 1.08
C ILE A 47 -10.04 -2.40 -0.05
N ALA A 48 -9.68 -2.08 -1.29
CA ALA A 48 -10.15 -2.89 -2.41
C ALA A 48 -9.53 -4.28 -2.38
N THR A 49 -8.26 -4.37 -2.00
CA THR A 49 -7.54 -5.65 -2.03
C THR A 49 -7.54 -6.38 -0.68
N VAL A 50 -8.28 -5.88 0.31
CA VAL A 50 -8.35 -6.60 1.58
C VAL A 50 -8.97 -7.98 1.39
N MET A 51 -9.93 -8.12 0.49
CA MET A 51 -10.72 -9.35 0.44
C MET A 51 -10.06 -10.46 -0.35
N ILE A 52 -8.86 -10.24 -0.89
CA ILE A 52 -8.14 -11.34 -1.53
C ILE A 52 -7.40 -12.18 -0.51
N LEU A 53 -7.13 -11.65 0.68
CA LEU A 53 -6.47 -12.44 1.71
C LEU A 53 -7.28 -13.67 2.14
N PRO A 54 -8.59 -13.61 2.36
CA PRO A 54 -9.33 -14.84 2.65
C PRO A 54 -9.27 -15.86 1.52
N VAL A 55 -9.05 -15.42 0.28
CA VAL A 55 -8.95 -16.35 -0.84
C VAL A 55 -7.60 -17.06 -0.84
N THR A 56 -6.52 -16.29 -0.73
CA THR A 56 -5.18 -16.88 -0.77
C THR A 56 -4.88 -17.71 0.47
N HIS A 57 -5.69 -17.58 1.51
CA HIS A 57 -5.52 -18.40 2.70
C HIS A 57 -6.36 -19.67 2.66
N THR A 58 -7.17 -19.82 1.62
CA THR A 58 -7.94 -21.05 1.45
C THR A 58 -7.00 -22.13 0.96
N GLU A 59 -6.84 -23.18 1.75
CA GLU A 59 -5.91 -24.24 1.39
C GLU A 59 -6.60 -25.38 0.65
N ILE A 60 -5.99 -25.85 -0.43
CA ILE A 60 -6.58 -26.92 -1.20
C ILE A 60 -5.80 -28.22 -1.02
N ASP A 67 -14.34 -32.90 -0.50
CA ASP A 67 -13.56 -32.06 -1.40
C ASP A 67 -14.41 -30.97 -2.02
N ARG A 68 -15.67 -31.29 -2.31
CA ARG A 68 -16.57 -30.32 -2.93
C ARG A 68 -16.84 -29.15 -2.00
N SER A 69 -16.79 -29.36 -0.69
CA SER A 69 -16.97 -28.26 0.25
C SER A 69 -15.87 -27.21 0.10
N VAL A 70 -14.63 -27.66 -0.09
CA VAL A 70 -13.52 -26.73 -0.29
C VAL A 70 -13.71 -25.93 -1.58
N GLN A 71 -14.15 -26.60 -2.65
CA GLN A 71 -14.39 -25.89 -3.90
C GLN A 71 -15.51 -24.87 -3.75
N ARG A 72 -16.58 -25.23 -3.05
CA ARG A 72 -17.67 -24.29 -2.83
C ARG A 72 -17.21 -23.10 -2.01
N LEU A 73 -16.41 -23.34 -0.96
CA LEU A 73 -15.87 -22.25 -0.16
C LEU A 73 -14.98 -21.34 -1.00
N LEU A 74 -14.14 -21.93 -1.84
CA LEU A 74 -13.26 -21.13 -2.70
C LEU A 74 -14.07 -20.29 -3.68
N ALA A 75 -15.11 -20.87 -4.27
CA ALA A 75 -15.95 -20.12 -5.19
C ALA A 75 -16.65 -18.97 -4.49
N THR A 76 -17.18 -19.21 -3.29
CA THR A 76 -17.84 -18.16 -2.53
C THR A 76 -16.86 -17.04 -2.18
N ARG A 77 -15.64 -17.41 -1.76
CA ARG A 77 -14.65 -16.40 -1.41
C ARG A 77 -14.22 -15.59 -2.64
N ILE A 78 -14.08 -16.24 -3.79
CA ILE A 78 -13.72 -15.52 -5.01
C ILE A 78 -14.84 -14.56 -5.40
N ALA A 79 -16.09 -15.01 -5.31
CA ALA A 79 -17.21 -14.12 -5.63
C ALA A 79 -17.26 -12.94 -4.68
N VAL A 80 -17.04 -13.18 -3.38
CA VAL A 80 -17.04 -12.10 -2.41
C VAL A 80 -15.91 -11.11 -2.71
N TYR A 81 -14.73 -11.63 -3.04
CA TYR A 81 -13.61 -10.74 -3.37
C TYR A 81 -13.93 -9.89 -4.58
N LEU A 82 -14.50 -10.50 -5.63
CA LEU A 82 -14.81 -9.75 -6.84
C LEU A 82 -15.84 -8.67 -6.56
N MET A 83 -16.90 -9.02 -5.83
CA MET A 83 -17.94 -8.04 -5.54
C MET A 83 -17.42 -6.91 -4.66
N THR A 84 -16.61 -7.23 -3.65
CA THR A 84 -16.06 -6.19 -2.79
C THR A 84 -15.09 -5.29 -3.57
N PHE A 85 -14.28 -5.87 -4.46
CA PHE A 85 -13.40 -5.06 -5.28
C PHE A 85 -14.19 -4.12 -6.18
N LEU A 86 -15.26 -4.63 -6.79
CA LEU A 86 -16.09 -3.78 -7.65
C LEU A 86 -16.73 -2.66 -6.85
N ILE A 87 -17.23 -2.97 -5.65
CA ILE A 87 -17.89 -1.95 -4.83
C ILE A 87 -16.90 -0.89 -4.39
N VAL A 88 -15.72 -1.31 -3.92
CA VAL A 88 -14.72 -0.34 -3.48
C VAL A 88 -14.20 0.48 -4.66
N THR A 89 -14.09 -0.12 -5.84
CA THR A 89 -13.68 0.66 -7.00
C THR A 89 -14.75 1.65 -7.42
N VAL A 90 -16.03 1.29 -7.26
CA VAL A 90 -17.10 2.26 -7.51
C VAL A 90 -17.00 3.42 -6.53
N ALA A 91 -16.74 3.12 -5.26
CA ALA A 91 -16.57 4.17 -4.26
C ALA A 91 -15.37 5.05 -4.58
N TRP A 92 -14.27 4.44 -5.02
CA TRP A 92 -13.09 5.21 -5.39
C TRP A 92 -13.35 6.09 -6.61
N ALA A 93 -14.09 5.57 -7.59
CA ALA A 93 -14.44 6.38 -8.75
C ALA A 93 -15.31 7.56 -8.36
N ALA A 94 -16.28 7.33 -7.47
CA ALA A 94 -17.09 8.43 -6.96
C ALA A 94 -16.24 9.46 -6.24
N HIS A 95 -15.28 9.00 -5.43
CA HIS A 95 -14.38 9.92 -4.73
C HIS A 95 -13.55 10.73 -5.71
N THR A 96 -13.03 10.07 -6.76
CA THR A 96 -12.18 10.77 -7.72
C THR A 96 -12.96 11.82 -8.49
N ARG A 97 -14.15 11.47 -8.97
CA ARG A 97 -14.95 12.45 -9.68
C ARG A 97 -15.59 13.46 -8.75
N LEU A 98 -15.60 13.21 -7.44
CA LEU A 98 -15.94 14.24 -6.46
C LEU A 98 -14.82 15.26 -6.33
N PHE A 99 -13.58 14.80 -6.19
CA PHE A 99 -12.49 15.73 -5.97
C PHE A 99 -11.93 16.31 -7.26
N GLN A 100 -12.48 15.93 -8.40
CA GLN A 100 -12.27 16.73 -9.62
C GLN A 100 -12.98 18.07 -9.51
N VAL A 101 -14.19 18.07 -8.94
CA VAL A 101 -14.92 19.31 -8.71
C VAL A 101 -14.23 20.15 -7.65
N VAL A 102 -13.88 19.53 -6.53
CA VAL A 102 -13.21 20.22 -5.42
C VAL A 102 -11.73 20.32 -5.78
N GLY A 103 -11.33 21.44 -6.36
CA GLY A 103 -9.98 21.61 -6.85
C GLY A 103 -8.90 21.52 -5.78
N LYS A 104 -8.93 22.45 -4.84
CA LYS A 104 -7.93 22.52 -3.79
C LYS A 104 -8.49 21.97 -2.49
N THR A 105 -7.65 21.89 -1.47
CA THR A 105 -8.00 21.29 -0.20
C THR A 105 -7.66 22.24 0.94
N ASP A 106 -8.18 21.91 2.13
CA ASP A 106 -7.95 22.69 3.33
C ASP A 106 -7.87 21.74 4.50
N ASP A 107 -7.62 22.29 5.69
CA ASP A 107 -7.52 21.47 6.89
C ASP A 107 -8.82 20.73 7.18
N THR A 108 -9.94 21.45 7.18
CA THR A 108 -11.23 20.83 7.41
C THR A 108 -11.58 19.86 6.28
N LEU A 109 -11.21 20.20 5.04
CA LEU A 109 -11.40 19.28 3.93
C LEU A 109 -10.56 18.03 4.11
N ALA A 110 -9.34 18.17 4.60
CA ALA A 110 -8.50 17.00 4.85
C ALA A 110 -9.10 16.10 5.92
N LEU A 111 -9.61 16.69 7.01
CA LEU A 111 -10.24 15.89 8.05
C LEU A 111 -11.50 15.20 7.54
N LEU A 112 -12.31 15.92 6.74
CA LEU A 112 -13.51 15.31 6.17
C LEU A 112 -13.15 14.18 5.22
N ASN A 113 -12.07 14.35 4.46
CA ASN A 113 -11.61 13.27 3.59
C ASN A 113 -11.15 12.06 4.39
N LEU A 114 -10.47 12.30 5.51
CA LEU A 114 -10.10 11.19 6.39
C LEU A 114 -11.34 10.46 6.92
N ALA A 115 -12.36 11.20 7.31
CA ALA A 115 -13.60 10.58 7.75
C ALA A 115 -14.26 9.78 6.63
N CYS A 116 -14.24 10.33 5.41
CA CYS A 116 -14.77 9.60 4.27
C CYS A 116 -14.01 8.30 4.02
N MET A 117 -12.68 8.35 4.14
CA MET A 117 -11.88 7.14 3.98
C MET A 117 -12.22 6.11 5.05
N MET A 118 -12.37 6.56 6.30
CA MET A 118 -12.74 5.62 7.36
C MET A 118 -14.08 4.98 7.10
N THR A 119 -15.05 5.76 6.63
CA THR A 119 -16.36 5.19 6.32
C THR A 119 -16.29 4.22 5.15
N ILE A 120 -15.42 4.49 4.17
CA ILE A 120 -15.26 3.57 3.05
C ILE A 120 -14.57 2.28 3.46
N THR A 121 -13.66 2.33 4.44
CA THR A 121 -12.94 1.12 4.85
C THR A 121 -13.85 0.02 5.38
N PHE A 122 -15.08 0.33 5.74
CA PHE A 122 -16.02 -0.66 6.26
C PHE A 122 -16.85 -1.32 5.18
N LEU A 123 -16.68 -0.94 3.91
CA LEU A 123 -17.45 -1.57 2.84
C LEU A 123 -17.17 -3.06 2.70
N PRO A 124 -15.91 -3.53 2.65
CA PRO A 124 -15.71 -4.98 2.45
C PRO A 124 -16.22 -5.84 3.60
N TYR A 125 -15.88 -5.48 4.83
CA TYR A 125 -16.32 -6.28 5.98
C TYR A 125 -17.83 -6.31 6.08
N THR A 126 -18.47 -5.16 5.91
CA THR A 126 -19.91 -5.10 6.09
C THR A 126 -20.63 -5.81 4.93
N PHE A 127 -20.08 -5.72 3.72
CA PHE A 127 -20.64 -6.47 2.61
C PHE A 127 -20.48 -7.97 2.82
N SER A 128 -19.35 -8.40 3.38
CA SER A 128 -19.16 -9.82 3.68
C SER A 128 -20.14 -10.30 4.74
N LEU A 129 -20.36 -9.49 5.77
CA LEU A 129 -21.37 -9.83 6.78
C LEU A 129 -22.76 -9.88 6.15
N MET A 130 -23.03 -8.97 5.22
CA MET A 130 -24.30 -8.96 4.49
C MET A 130 -24.50 -10.25 3.71
N VAL A 131 -23.49 -10.67 2.93
CA VAL A 131 -23.65 -11.84 2.09
C VAL A 131 -23.54 -13.14 2.87
N THR A 132 -22.98 -13.10 4.08
CA THR A 132 -22.94 -14.29 4.91
C THR A 132 -24.32 -14.60 5.51
N PHE A 133 -25.12 -13.56 5.76
CA PHE A 133 -26.47 -13.70 6.31
C PHE A 133 -27.44 -12.98 5.39
N PRO A 134 -27.75 -13.57 4.23
CA PRO A 134 -28.62 -12.88 3.26
C PRO A 134 -30.03 -12.61 3.78
N ASP A 135 -30.57 -13.48 4.61
CA ASP A 135 -31.95 -13.35 5.07
C ASP A 135 -32.07 -12.59 6.39
N VAL A 136 -30.97 -12.13 6.96
CA VAL A 136 -30.98 -11.36 8.20
C VAL A 136 -30.96 -9.88 7.83
N PRO A 137 -31.98 -9.10 8.22
CA PRO A 137 -32.01 -7.68 7.81
C PRO A 137 -30.88 -6.86 8.40
N LEU A 138 -30.20 -7.33 9.44
CA LEU A 138 -29.15 -6.54 10.07
C LEU A 138 -27.98 -6.29 9.12
N GLY A 139 -27.58 -7.29 8.35
CA GLY A 139 -26.47 -7.12 7.42
C GLY A 139 -26.78 -6.10 6.34
N ILE A 140 -27.98 -6.19 5.75
CA ILE A 140 -28.40 -5.23 4.75
C ILE A 140 -28.49 -3.83 5.35
N PHE A 141 -29.01 -3.75 6.57
CA PHE A 141 -29.10 -2.45 7.24
C PHE A 141 -27.72 -1.85 7.46
N LEU A 142 -26.75 -2.67 7.87
CA LEU A 142 -25.40 -2.17 8.09
C LEU A 142 -24.76 -1.72 6.78
N PHE A 143 -24.96 -2.48 5.70
CA PHE A 143 -24.39 -2.07 4.41
C PHE A 143 -25.00 -0.76 3.94
N CYS A 144 -26.32 -0.63 4.07
CA CYS A 144 -26.97 0.62 3.70
C CYS A 144 -26.48 1.77 4.56
N VAL A 145 -26.28 1.53 5.86
CA VAL A 145 -25.79 2.57 6.75
C VAL A 145 -24.38 3.00 6.37
N CYS A 146 -23.53 2.05 6.00
CA CYS A 146 -22.17 2.39 5.57
C CYS A 146 -22.19 3.24 4.31
N VAL A 147 -22.99 2.84 3.32
CA VAL A 147 -23.08 3.61 2.09
C VAL A 147 -23.64 5.00 2.37
N ILE A 148 -24.66 5.08 3.23
CA ILE A 148 -25.26 6.36 3.58
C ILE A 148 -24.24 7.25 4.28
N ALA A 149 -23.43 6.68 5.16
CA ALA A 149 -22.41 7.46 5.85
C ALA A 149 -21.39 8.02 4.88
N ILE A 150 -20.94 7.19 3.92
CA ILE A 150 -20.01 7.67 2.89
C ILE A 150 -20.63 8.83 2.12
N GLY A 151 -21.90 8.66 1.71
CA GLY A 151 -22.57 9.70 0.97
C GLY A 151 -22.77 10.98 1.77
N VAL A 152 -23.05 10.85 3.06
CA VAL A 152 -23.26 12.02 3.91
C VAL A 152 -21.96 12.78 4.08
N VAL A 153 -20.85 12.06 4.30
CA VAL A 153 -19.56 12.74 4.42
C VAL A 153 -19.20 13.43 3.11
N GLN A 154 -19.46 12.78 1.97
CA GLN A 154 -19.17 13.41 0.69
C GLN A 154 -20.04 14.64 0.47
N ALA A 155 -21.32 14.58 0.87
CA ALA A 155 -22.20 15.73 0.74
C ALA A 155 -21.73 16.89 1.62
N LEU A 156 -21.25 16.57 2.82
CA LEU A 156 -20.67 17.61 3.67
C LEU A 156 -19.44 18.23 3.01
N ILE A 157 -18.61 17.40 2.38
CA ILE A 157 -17.43 17.91 1.68
C ILE A 157 -17.84 18.86 0.56
N VAL A 158 -18.85 18.46 -0.23
CA VAL A 158 -19.31 19.29 -1.33
C VAL A 158 -19.88 20.60 -0.81
N GLY A 159 -20.69 20.52 0.25
CA GLY A 159 -21.27 21.73 0.82
C GLY A 159 -20.22 22.69 1.32
N TYR A 160 -19.20 22.17 2.02
CA TYR A 160 -18.11 23.02 2.47
C TYR A 160 -17.36 23.63 1.30
N ALA A 161 -17.11 22.85 0.26
CA ALA A 161 -16.38 23.37 -0.91
C ALA A 161 -17.17 24.48 -1.59
N PHE A 162 -18.48 24.31 -1.73
CA PHE A 162 -19.28 25.34 -2.38
C PHE A 162 -19.49 26.56 -1.48
N HIS A 163 -19.44 26.37 -0.16
CA HIS A 163 -19.53 27.52 0.74
C HIS A 163 -18.29 28.40 0.65
N PHE A 164 -17.14 27.82 0.30
CA PHE A 164 -15.89 28.54 0.12
C PHE A 164 -15.46 28.38 -1.33
N PRO A 165 -15.85 29.30 -2.22
CA PRO A 165 -15.66 29.04 -3.66
C PRO A 165 -14.21 28.95 -4.08
N HIS A 166 -13.28 29.47 -3.30
CA HIS A 166 -11.87 29.40 -3.69
C HIS A 166 -11.34 27.97 -3.68
N LEU A 167 -12.04 27.05 -3.03
CA LEU A 167 -11.62 25.65 -3.01
C LEU A 167 -12.05 24.88 -4.25
N LEU A 168 -12.97 25.43 -5.05
CA LEU A 168 -13.44 24.74 -6.24
C LEU A 168 -12.43 24.86 -7.38
N SER A 169 -12.63 24.04 -8.40
CA SER A 169 -11.83 24.14 -9.60
C SER A 169 -12.17 25.44 -10.35
N PRO A 170 -11.22 25.99 -11.11
CA PRO A 170 -11.48 27.26 -11.80
C PRO A 170 -12.69 27.22 -12.72
N GLN A 171 -12.92 26.09 -13.37
CA GLN A 171 -14.10 25.95 -14.22
C GLN A 171 -15.34 26.24 -13.39
N ILE A 172 -15.49 25.51 -12.29
CA ILE A 172 -16.65 25.70 -11.42
C ILE A 172 -16.66 27.10 -10.84
N GLN A 173 -15.48 27.63 -10.52
CA GLN A 173 -15.39 28.95 -9.89
C GLN A 173 -15.95 30.04 -10.78
N ARG A 174 -15.56 30.04 -12.05
CA ARG A 174 -15.99 31.07 -12.98
C ARG A 174 -17.39 30.82 -13.54
N SER A 175 -17.97 29.65 -13.30
CA SER A 175 -19.29 29.34 -13.83
C SER A 175 -20.35 30.22 -13.18
N ALA A 176 -21.32 30.64 -13.99
CA ALA A 176 -22.45 31.43 -13.49
C ALA A 176 -23.57 30.57 -12.94
N HIS A 177 -23.42 29.25 -12.98
CA HIS A 177 -24.43 28.31 -12.50
C HIS A 177 -23.92 27.52 -11.30
N ARG A 178 -23.29 28.21 -10.35
CA ARG A 178 -22.73 27.53 -9.18
C ARG A 178 -23.82 26.86 -8.35
N ALA A 179 -24.98 27.50 -8.22
CA ALA A 179 -26.08 26.89 -7.47
C ALA A 179 -26.58 25.63 -8.17
N LEU A 180 -26.74 25.69 -9.49
CA LEU A 180 -27.15 24.50 -10.24
C LEU A 180 -26.10 23.41 -10.16
N TYR A 181 -24.82 23.78 -10.22
CA TYR A 181 -23.76 22.80 -10.05
C TYR A 181 -23.83 22.15 -8.68
N ARG A 182 -24.05 22.94 -7.63
CA ARG A 182 -24.17 22.39 -6.29
C ARG A 182 -25.35 21.42 -6.21
N ARG A 183 -26.48 21.80 -6.79
CA ARG A 183 -27.64 20.91 -6.79
C ARG A 183 -27.32 19.60 -7.48
N HIS A 184 -26.63 19.67 -8.62
CA HIS A 184 -26.31 18.47 -9.38
C HIS A 184 -25.37 17.55 -8.61
N VAL A 185 -24.32 18.11 -7.99
CA VAL A 185 -23.39 17.27 -7.24
C VAL A 185 -24.04 16.70 -5.99
N LEU A 186 -24.88 17.48 -5.30
CA LEU A 186 -25.62 16.92 -4.17
C LEU A 186 -26.52 15.77 -4.61
N GLY A 187 -27.22 15.93 -5.74
CA GLY A 187 -28.05 14.84 -6.23
C GLY A 187 -27.24 13.59 -6.57
N ILE A 188 -26.11 13.78 -7.25
CA ILE A 188 -25.26 12.65 -7.63
C ILE A 188 -24.74 11.94 -6.38
N VAL A 189 -24.28 12.71 -5.40
CA VAL A 189 -23.70 12.12 -4.20
C VAL A 189 -24.76 11.41 -3.37
N LEU A 190 -25.95 12.01 -3.24
CA LEU A 190 -26.98 11.51 -2.34
C LEU A 190 -27.95 10.53 -3.00
N GLN A 191 -27.81 10.26 -4.29
CA GLN A 191 -28.66 9.25 -4.92
C GLN A 191 -28.48 7.88 -4.27
N GLY A 192 -27.23 7.47 -4.08
CA GLY A 192 -26.92 6.19 -3.48
C GLY A 192 -27.43 6.06 -2.06
N PRO A 193 -27.16 7.06 -1.21
CA PRO A 193 -27.72 7.01 0.14
C PRO A 193 -29.24 6.90 0.19
N ALA A 194 -29.96 7.57 -0.72
CA ALA A 194 -31.41 7.49 -0.71
C ALA A 194 -31.89 6.08 -1.08
N LEU A 195 -31.30 5.50 -2.12
CA LEU A 195 -31.68 4.15 -2.52
C LEU A 195 -31.35 3.14 -1.43
N CYS A 196 -30.18 3.29 -0.79
CA CYS A 196 -29.83 2.40 0.30
C CYS A 196 -30.73 2.60 1.52
N PHE A 197 -31.18 3.82 1.77
CA PHE A 197 -32.10 4.08 2.88
C PHE A 197 -33.43 3.38 2.62
N ALA A 198 -33.92 3.48 1.38
CA ALA A 198 -35.15 2.77 1.02
C ALA A 198 -34.96 1.25 1.11
N ALA A 199 -33.79 0.76 0.72
CA ALA A 199 -33.50 -0.66 0.83
C ALA A 199 -33.47 -1.10 2.30
N ALA A 200 -32.91 -0.25 3.17
CA ALA A 200 -32.93 -0.54 4.60
C ALA A 200 -34.35 -0.59 5.13
N ILE A 201 -35.23 0.27 4.59
CA ILE A 201 -36.65 0.18 4.92
C ILE A 201 -37.21 -1.17 4.50
N PHE A 202 -36.95 -1.57 3.25
CA PHE A 202 -37.56 -2.78 2.71
C PHE A 202 -36.97 -4.06 3.26
N SER A 203 -35.78 -4.00 3.89
CA SER A 203 -35.18 -5.19 4.47
C SER A 203 -36.08 -5.81 5.53
N LEU A 204 -36.85 -4.99 6.26
CA LEU A 204 -37.78 -5.51 7.25
C LEU A 204 -39.08 -5.99 6.63
N PHE A 205 -39.35 -5.66 5.37
CA PHE A 205 -40.61 -6.02 4.72
C PHE A 205 -40.43 -6.87 3.47
N PHE A 206 -39.46 -6.54 2.61
CA PHE A 206 -39.25 -7.31 1.39
C PHE A 206 -37.77 -7.24 1.04
N VAL A 207 -37.02 -8.27 1.43
CA VAL A 207 -35.57 -8.28 1.22
C VAL A 207 -35.19 -8.25 -0.26
N PRO A 208 -35.82 -9.03 -1.15
CA PRO A 208 -35.42 -8.96 -2.58
C PRO A 208 -35.53 -7.56 -3.16
N LEU A 209 -36.50 -6.76 -2.72
CA LEU A 209 -36.57 -5.38 -3.18
C LEU A 209 -35.35 -4.59 -2.71
N SER A 210 -34.91 -4.82 -1.47
CA SER A 210 -33.68 -4.19 -1.00
C SER A 210 -32.50 -4.58 -1.87
N TYR A 211 -32.43 -5.85 -2.27
CA TYR A 211 -31.39 -6.28 -3.20
C TYR A 211 -31.51 -5.53 -4.53
N LEU A 212 -32.73 -5.33 -5.02
CA LEU A 212 -32.91 -4.67 -6.31
C LEU A 212 -32.42 -3.23 -6.27
N LEU A 213 -32.85 -2.45 -5.28
CA LEU A 213 -32.34 -1.07 -5.21
C LEU A 213 -30.85 -1.02 -4.90
N MET A 214 -30.34 -1.98 -4.12
CA MET A 214 -28.92 -1.97 -3.80
C MET A 214 -28.07 -2.25 -5.04
N VAL A 215 -28.54 -3.11 -5.95
CA VAL A 215 -27.84 -3.31 -7.20
C VAL A 215 -28.07 -2.13 -8.13
N THR A 216 -29.22 -1.46 -8.01
CA THR A 216 -29.46 -0.26 -8.81
C THR A 216 -28.49 0.86 -8.44
N VAL A 217 -28.08 0.90 -7.18
CA VAL A 217 -27.12 1.94 -6.74
C VAL A 217 -25.87 1.91 -7.60
N ILE A 218 -25.32 0.72 -7.83
CA ILE A 218 -24.12 0.62 -8.66
C ILE A 218 -24.47 0.66 -10.14
N LEU A 219 -25.63 0.14 -10.53
CA LEU A 219 -25.95 0.07 -11.96
C LEU A 219 -26.22 1.45 -12.58
N LEU A 220 -27.00 2.29 -11.89
CA LEU A 220 -27.55 3.49 -12.54
C LEU A 220 -26.50 4.44 -13.08
N PRO A 221 -25.43 4.79 -12.35
CA PRO A 221 -24.48 5.77 -12.89
C PRO A 221 -23.83 5.35 -14.20
N TYR A 222 -23.82 4.06 -14.52
CA TYR A 222 -23.27 3.58 -15.78
C TYR A 222 -24.35 3.17 -16.78
N VAL A 223 -25.53 2.74 -16.31
CA VAL A 223 -26.62 2.38 -17.23
C VAL A 223 -27.61 3.51 -17.43
N SER A 224 -27.46 4.62 -16.72
CA SER A 224 -28.37 5.77 -16.83
C SER A 224 -29.82 5.38 -16.56
N GLU A 254 -17.34 10.40 -19.53
CA GLU A 254 -16.59 11.47 -18.87
C GLU A 254 -15.18 11.00 -18.50
N PRO A 255 -14.19 11.85 -18.72
CA PRO A 255 -12.82 11.48 -18.39
C PRO A 255 -12.62 11.27 -16.90
N LEU A 256 -11.70 10.38 -16.57
CA LEU A 256 -11.30 10.12 -15.19
C LEU A 256 -9.86 10.59 -15.03
N SER A 257 -9.55 11.19 -13.88
CA SER A 257 -8.22 11.74 -13.65
C SER A 257 -7.16 10.66 -13.79
N LYS A 258 -6.20 10.89 -14.68
CA LYS A 258 -5.19 9.88 -14.96
C LYS A 258 -4.30 9.63 -13.75
N GLU A 259 -4.01 10.67 -12.96
CA GLU A 259 -3.19 10.48 -11.77
C GLU A 259 -3.85 9.55 -10.78
N ARG A 260 -5.17 9.71 -10.57
CA ARG A 260 -5.87 8.84 -9.63
C ARG A 260 -5.88 7.39 -10.12
N VAL A 261 -6.12 7.18 -11.41
CA VAL A 261 -6.11 5.82 -11.95
C VAL A 261 -4.73 5.20 -11.82
N GLU A 262 -3.69 5.98 -12.13
CA GLU A 262 -2.32 5.48 -12.00
C GLU A 262 -2.00 5.11 -10.56
N ALA A 263 -2.38 5.96 -9.61
CA ALA A 263 -2.09 5.68 -8.20
C ALA A 263 -2.85 4.46 -7.71
N PHE A 264 -4.12 4.33 -8.07
CA PHE A 264 -4.91 3.17 -7.66
C PHE A 264 -4.33 1.89 -8.24
N SER A 265 -3.96 1.90 -9.53
CA SER A 265 -3.38 0.72 -10.15
C SER A 265 -2.03 0.38 -9.54
N ASP A 266 -1.21 1.39 -9.24
CA ASP A 266 0.08 1.13 -8.60
C ASP A 266 -0.12 0.50 -7.22
N GLY A 267 -1.07 1.02 -6.45
CA GLY A 267 -1.34 0.42 -5.15
C GLY A 267 -1.83 -1.01 -5.26
N VAL A 268 -2.74 -1.28 -6.19
CA VAL A 268 -3.26 -2.63 -6.35
C VAL A 268 -2.16 -3.59 -6.79
N TYR A 269 -1.32 -3.17 -7.74
CA TYR A 269 -0.24 -4.03 -8.20
C TYR A 269 0.78 -4.28 -7.10
N ALA A 270 1.12 -3.24 -6.32
CA ALA A 270 2.07 -3.42 -5.23
C ALA A 270 1.52 -4.36 -4.16
N ILE A 271 0.22 -4.26 -3.87
CA ILE A 271 -0.38 -5.12 -2.86
C ILE A 271 -0.44 -6.57 -3.35
N VAL A 272 -0.88 -6.77 -4.59
CA VAL A 272 -1.04 -8.13 -5.10
C VAL A 272 0.32 -8.80 -5.30
N ALA A 273 1.32 -8.03 -5.72
CA ALA A 273 2.64 -8.61 -5.98
C ALA A 273 3.26 -9.17 -4.72
N THR A 274 3.08 -8.48 -3.59
CA THR A 274 3.76 -8.81 -2.34
C THR A 274 2.87 -9.55 -1.35
N LEU A 275 1.78 -10.15 -1.80
CA LEU A 275 0.95 -10.95 -0.90
C LEU A 275 1.71 -12.16 -0.38
N LEU A 276 2.36 -12.89 -1.28
CA LEU A 276 2.98 -14.16 -0.90
C LEU A 276 4.20 -13.95 -0.02
N ILE A 277 4.98 -12.89 -0.25
CA ILE A 277 6.11 -12.62 0.64
C ILE A 277 5.63 -12.25 2.02
N LEU A 278 4.52 -11.51 2.12
CA LEU A 278 3.94 -11.19 3.42
C LEU A 278 3.51 -12.46 4.13
N ASP A 279 2.85 -13.36 3.42
CA ASP A 279 2.40 -14.62 4.01
C ASP A 279 3.59 -15.45 4.46
N ILE A 280 4.63 -15.50 3.64
CA ILE A 280 5.82 -16.28 3.97
C ILE A 280 6.50 -15.74 5.22
N CYS A 281 6.63 -14.40 5.29
CA CYS A 281 7.24 -13.79 6.46
C CYS A 281 6.40 -14.07 7.71
N GLU A 282 5.06 -14.04 7.58
CA GLU A 282 4.21 -14.27 8.73
C GLU A 282 4.29 -15.72 9.21
N ASP A 283 4.24 -16.68 8.29
CA ASP A 283 4.14 -18.09 8.67
C ASP A 283 5.39 -18.90 8.43
N ASN A 284 6.10 -18.70 7.31
CA ASN A 284 7.08 -19.65 6.84
C ASN A 284 8.49 -19.35 7.33
N VAL A 285 8.64 -18.75 8.50
CA VAL A 285 9.95 -18.64 9.14
C VAL A 285 10.14 -19.89 10.00
N PRO A 286 11.18 -20.68 9.76
CA PRO A 286 11.33 -21.95 10.49
C PRO A 286 11.45 -21.72 11.99
N ASP A 287 10.85 -22.64 12.75
CA ASP A 287 10.89 -22.63 14.21
C ASP A 287 12.08 -23.47 14.68
N PRO A 288 12.90 -22.94 15.60
CA PRO A 288 14.10 -23.68 16.02
C PRO A 288 13.81 -25.07 16.59
N LYS A 289 12.72 -25.22 17.35
CA LYS A 289 12.39 -26.52 17.91
C LYS A 289 12.08 -27.52 16.80
N ASP A 290 11.25 -27.13 15.84
CA ASP A 290 10.94 -28.01 14.72
C ASP A 290 12.17 -28.23 13.84
N VAL A 291 13.02 -27.23 13.71
CA VAL A 291 14.25 -27.38 12.92
C VAL A 291 15.14 -28.45 13.53
N LYS A 292 15.31 -28.42 14.86
CA LYS A 292 16.19 -29.38 15.52
C LYS A 292 15.51 -30.73 15.72
N GLU A 293 14.18 -30.78 15.62
CA GLU A 293 13.43 -32.02 15.86
C GLU A 293 12.92 -32.65 14.57
N ARG A 294 12.20 -31.91 13.72
CA ARG A 294 11.62 -32.54 12.54
C ARG A 294 12.60 -32.61 11.38
N PHE A 295 13.60 -31.74 11.39
CA PHE A 295 14.62 -31.78 10.34
C PHE A 295 16.00 -32.10 10.90
N SER A 296 16.09 -32.58 12.14
CA SER A 296 17.33 -33.04 12.75
C SER A 296 18.41 -31.95 12.73
N GLY A 297 18.00 -30.70 12.97
CA GLY A 297 18.93 -29.60 13.05
C GLY A 297 19.42 -29.05 11.73
N SER A 298 18.92 -29.56 10.60
CA SER A 298 19.33 -29.09 9.28
C SER A 298 18.40 -27.97 8.86
N LEU A 299 18.93 -26.74 8.83
CA LEU A 299 18.12 -25.60 8.44
C LEU A 299 17.77 -25.65 6.95
N VAL A 300 18.67 -26.17 6.12
CA VAL A 300 18.37 -26.30 4.69
C VAL A 300 17.23 -27.29 4.47
N ALA A 301 17.18 -28.34 5.29
CA ALA A 301 16.06 -29.28 5.20
C ALA A 301 14.74 -28.60 5.58
N ALA A 302 14.78 -27.75 6.59
CA ALA A 302 13.57 -27.01 6.97
C ALA A 302 13.13 -26.07 5.86
N LEU A 303 14.08 -25.37 5.23
CA LEU A 303 13.74 -24.44 4.17
C LEU A 303 13.34 -25.15 2.88
N SER A 304 13.72 -26.42 2.71
CA SER A 304 13.34 -27.16 1.51
C SER A 304 11.82 -27.32 1.42
N ALA A 305 11.17 -27.63 2.55
CA ALA A 305 9.72 -27.77 2.55
C ALA A 305 9.01 -26.43 2.29
N THR A 306 9.71 -25.32 2.50
CA THR A 306 9.18 -23.99 2.22
C THR A 306 9.42 -23.57 0.76
N GLY A 307 10.21 -24.34 0.03
CA GLY A 307 10.60 -24.02 -1.33
C GLY A 307 9.47 -23.76 -2.30
N PRO A 308 8.42 -24.60 -2.29
CA PRO A 308 7.25 -24.30 -3.14
C PRO A 308 6.64 -22.94 -2.89
N ARG A 309 6.61 -22.49 -1.62
CA ARG A 309 6.10 -21.15 -1.33
C ARG A 309 6.99 -20.08 -1.97
N PHE A 310 8.30 -20.25 -1.91
CA PHE A 310 9.20 -19.30 -2.57
C PHE A 310 9.00 -19.30 -4.09
N LEU A 311 8.82 -20.49 -4.68
CA LEU A 311 8.60 -20.55 -6.12
C LEU A 311 7.31 -19.86 -6.51
N ALA A 312 6.24 -20.08 -5.73
CA ALA A 312 4.98 -19.41 -6.00
C ALA A 312 5.12 -17.90 -5.87
N TYR A 313 5.84 -17.44 -4.84
CA TYR A 313 6.05 -16.00 -4.68
C TYR A 313 6.85 -15.43 -5.85
N PHE A 314 7.90 -16.13 -6.28
CA PHE A 314 8.69 -15.66 -7.41
C PHE A 314 7.85 -15.56 -8.66
N GLY A 315 7.04 -16.58 -8.94
CA GLY A 315 6.19 -16.55 -10.12
C GLY A 315 5.16 -15.42 -10.06
N SER A 316 4.49 -15.28 -8.92
CA SER A 316 3.48 -14.24 -8.79
C SER A 316 4.09 -12.85 -8.90
N PHE A 317 5.23 -12.61 -8.23
CA PHE A 317 5.87 -11.31 -8.31
C PHE A 317 6.33 -11.02 -9.73
N ALA A 318 6.92 -11.99 -10.41
CA ALA A 318 7.37 -11.76 -11.78
C ALA A 318 6.20 -11.43 -12.69
N THR A 319 5.11 -12.17 -12.58
CA THR A 319 4.00 -11.89 -13.49
C THR A 319 3.38 -10.53 -13.17
N VAL A 320 3.11 -10.27 -11.90
CA VAL A 320 2.46 -9.02 -11.55
C VAL A 320 3.36 -7.84 -11.90
N GLY A 321 4.66 -7.98 -11.70
CA GLY A 321 5.58 -6.91 -12.09
C GLY A 321 5.61 -6.68 -13.58
N LEU A 322 5.55 -7.76 -14.38
CA LEU A 322 5.54 -7.59 -15.82
C LEU A 322 4.21 -7.01 -16.30
N LEU A 323 3.11 -7.42 -15.69
CA LEU A 323 1.82 -6.81 -16.03
C LEU A 323 1.80 -5.34 -15.68
N TRP A 324 2.37 -4.98 -14.52
CA TRP A 324 2.47 -3.56 -14.17
C TRP A 324 3.40 -2.83 -15.13
N PHE A 325 4.45 -3.49 -15.62
CA PHE A 325 5.33 -2.86 -16.60
C PHE A 325 4.57 -2.55 -17.88
N ALA A 326 3.76 -3.49 -18.35
CA ALA A 326 2.92 -3.24 -19.52
C ALA A 326 1.94 -2.11 -19.26
N HIS A 327 1.32 -2.11 -18.07
CA HIS A 327 0.36 -1.06 -17.72
C HIS A 327 1.05 0.31 -17.65
N HIS A 328 2.24 0.36 -17.07
CA HIS A 328 2.99 1.60 -16.95
C HIS A 328 3.38 2.13 -18.32
N SER A 329 3.84 1.24 -19.21
CA SER A 329 4.17 1.65 -20.57
C SER A 329 2.94 2.15 -21.31
N LEU A 330 1.79 1.49 -21.10
CA LEU A 330 0.55 1.94 -21.73
C LEU A 330 0.17 3.33 -21.26
N PHE A 331 0.24 3.57 -19.95
CA PHE A 331 -0.22 4.84 -19.39
C PHE A 331 0.80 5.96 -19.52
N LEU A 332 2.05 5.65 -19.86
CA LEU A 332 2.99 6.72 -20.18
C LEU A 332 2.67 7.41 -21.50
N HIS A 333 1.79 6.81 -22.31
CA HIS A 333 1.42 7.37 -23.61
C HIS A 333 -0.05 7.76 -23.67
N VAL A 334 -0.71 7.92 -22.52
CA VAL A 334 -2.12 8.27 -22.46
C VAL A 334 -2.24 9.74 -22.10
N ARG A 335 -2.94 10.52 -22.94
CA ARG A 335 -3.15 11.92 -22.65
C ARG A 335 -4.23 12.11 -21.59
N LYS A 336 -5.38 11.47 -21.78
CA LYS A 336 -6.45 11.51 -20.79
C LYS A 336 -7.28 10.24 -20.92
N ALA A 337 -7.57 9.61 -19.80
CA ALA A 337 -8.23 8.30 -19.80
C ALA A 337 -9.73 8.49 -19.67
N THR A 338 -10.48 8.01 -20.67
CA THR A 338 -11.93 8.00 -20.59
C THR A 338 -12.40 6.96 -19.58
N ARG A 339 -13.67 7.05 -19.21
CA ARG A 339 -14.20 6.14 -18.19
C ARG A 339 -14.37 4.71 -18.73
N ALA A 340 -14.41 4.52 -20.04
CA ALA A 340 -14.38 3.17 -20.59
C ALA A 340 -13.05 2.51 -20.27
N MET A 341 -11.95 3.25 -20.43
CA MET A 341 -10.65 2.76 -20.00
C MET A 341 -10.61 2.54 -18.50
N GLY A 342 -11.35 3.36 -17.74
CA GLY A 342 -11.42 3.13 -16.31
C GLY A 342 -12.10 1.82 -15.96
N LEU A 343 -13.20 1.51 -16.64
CA LEU A 343 -13.89 0.25 -16.40
C LEU A 343 -13.02 -0.93 -16.81
N LEU A 344 -12.35 -0.84 -17.95
CA LEU A 344 -11.47 -1.92 -18.37
C LEU A 344 -10.30 -2.09 -17.41
N ASN A 345 -9.74 -0.99 -16.90
CA ASN A 345 -8.67 -1.08 -15.92
C ASN A 345 -9.17 -1.71 -14.62
N THR A 346 -10.40 -1.38 -14.22
CA THR A 346 -10.98 -2.01 -13.03
C THR A 346 -11.10 -3.52 -13.21
N LEU A 347 -11.59 -3.96 -14.36
CA LEU A 347 -11.68 -5.40 -14.62
C LEU A 347 -10.30 -6.04 -14.65
N SER A 348 -9.34 -5.36 -15.26
CA SER A 348 -7.97 -5.90 -15.34
C SER A 348 -7.37 -6.06 -13.96
N LEU A 349 -7.56 -5.07 -13.08
CA LEU A 349 -7.04 -5.19 -11.72
C LEU A 349 -7.77 -6.25 -10.93
N ALA A 350 -9.09 -6.37 -11.13
CA ALA A 350 -9.85 -7.40 -10.43
C ALA A 350 -9.33 -8.79 -10.79
N PHE A 351 -9.01 -9.01 -12.07
CA PHE A 351 -8.49 -10.30 -12.46
C PHE A 351 -7.00 -10.46 -12.15
N VAL A 352 -6.27 -9.34 -12.03
CA VAL A 352 -4.88 -9.40 -11.59
C VAL A 352 -4.80 -9.87 -10.14
N GLY A 353 -5.76 -9.45 -9.31
CA GLY A 353 -5.77 -9.86 -7.92
C GLY A 353 -5.86 -11.35 -7.69
N GLY A 354 -6.27 -12.12 -8.69
CA GLY A 354 -6.34 -13.56 -8.59
C GLY A 354 -5.09 -14.31 -8.96
N LEU A 355 -4.03 -13.61 -9.36
CA LEU A 355 -2.77 -14.27 -9.72
C LEU A 355 -2.14 -15.03 -8.56
N PRO A 356 -2.00 -14.47 -7.35
CA PRO A 356 -1.38 -15.25 -6.27
C PRO A 356 -2.09 -16.56 -6.00
N LEU A 357 -3.42 -16.60 -6.10
CA LEU A 357 -4.14 -17.86 -5.94
C LEU A 357 -3.75 -18.87 -7.01
N ALA A 358 -3.62 -18.41 -8.26
CA ALA A 358 -3.25 -19.31 -9.34
C ALA A 358 -1.85 -19.87 -9.13
N TYR A 359 -0.92 -19.02 -8.69
CA TYR A 359 0.46 -19.46 -8.46
C TYR A 359 0.53 -20.40 -7.28
N GLN A 360 -0.23 -20.13 -6.23
CA GLN A 360 -0.30 -21.04 -5.09
C GLN A 360 -0.84 -22.39 -5.51
N GLN A 361 -1.87 -22.41 -6.37
CA GLN A 361 -2.43 -23.67 -6.84
C GLN A 361 -1.40 -24.44 -7.67
N THR A 362 -0.74 -23.77 -8.59
CA THR A 362 0.23 -24.46 -9.45
C THR A 362 1.40 -25.00 -8.65
N SER A 363 1.93 -24.21 -7.71
CA SER A 363 3.05 -24.67 -6.90
C SER A 363 2.65 -25.71 -5.87
N ALA A 364 1.35 -25.94 -5.67
CA ALA A 364 0.89 -26.90 -4.67
C ALA A 364 1.10 -28.33 -5.15
N PHE A 365 0.79 -29.27 -4.26
CA PHE A 365 0.97 -30.69 -4.57
C PHE A 365 0.03 -31.12 -5.69
N ALA A 366 0.51 -32.08 -6.49
CA ALA A 366 -0.25 -32.63 -7.60
C ALA A 366 -0.66 -34.06 -7.25
N ARG A 367 -1.91 -34.21 -6.78
CA ARG A 367 -2.40 -35.54 -6.48
C ARG A 367 -2.49 -36.40 -7.73
N GLN A 368 -2.95 -35.83 -8.83
CA GLN A 368 -3.08 -36.51 -10.11
C GLN A 368 -2.62 -35.56 -11.20
N PRO A 369 -2.08 -36.08 -12.30
CA PRO A 369 -1.73 -35.20 -13.43
C PRO A 369 -2.90 -34.41 -13.96
N ARG A 370 -4.12 -34.95 -13.89
CA ARG A 370 -5.30 -34.19 -14.31
C ARG A 370 -5.47 -32.94 -13.45
N ASP A 371 -5.16 -33.05 -12.16
CA ASP A 371 -5.20 -31.86 -11.30
C ASP A 371 -4.19 -30.82 -11.76
N GLU A 372 -2.99 -31.26 -12.16
CA GLU A 372 -2.00 -30.33 -12.67
C GLU A 372 -2.49 -29.66 -13.96
N LEU A 373 -3.11 -30.43 -14.86
CA LEU A 373 -3.67 -29.84 -16.07
C LEU A 373 -4.72 -28.79 -15.73
N GLU A 374 -5.62 -29.11 -14.81
CA GLU A 374 -6.68 -28.18 -14.44
C GLU A 374 -6.12 -26.91 -13.82
N ARG A 375 -5.13 -27.05 -12.93
CA ARG A 375 -4.56 -25.88 -12.27
C ARG A 375 -3.77 -25.01 -13.24
N VAL A 376 -3.03 -25.64 -14.16
CA VAL A 376 -2.32 -24.87 -15.18
C VAL A 376 -3.30 -24.13 -16.06
N ARG A 377 -4.40 -24.79 -16.45
CA ARG A 377 -5.41 -24.13 -17.27
C ARG A 377 -6.05 -22.96 -16.53
N VAL A 378 -6.34 -23.12 -15.24
CA VAL A 378 -6.94 -22.04 -14.47
C VAL A 378 -5.99 -20.85 -14.36
N SER A 379 -4.70 -21.13 -14.08
CA SER A 379 -3.73 -20.05 -14.02
C SER A 379 -3.61 -19.33 -15.36
N CYS A 380 -3.59 -20.09 -16.44
CA CYS A 380 -3.50 -19.49 -17.77
C CYS A 380 -4.73 -18.63 -18.06
N THR A 381 -5.91 -19.09 -17.66
CA THR A 381 -7.12 -18.31 -17.86
C THR A 381 -7.07 -17.00 -17.08
N ILE A 382 -6.60 -17.05 -15.83
CA ILE A 382 -6.53 -15.84 -15.02
C ILE A 382 -5.55 -14.85 -15.63
N ILE A 383 -4.37 -15.32 -16.04
CA ILE A 383 -3.39 -14.44 -16.67
C ILE A 383 -3.95 -13.87 -17.97
N PHE A 384 -4.61 -14.72 -18.76
CA PHE A 384 -5.15 -14.29 -20.05
C PHE A 384 -6.18 -13.18 -19.85
N LEU A 385 -7.08 -13.33 -18.89
CA LEU A 385 -8.07 -12.29 -18.64
C LEU A 385 -7.40 -11.01 -18.16
N ALA A 386 -6.48 -11.13 -17.20
CA ALA A 386 -5.85 -9.96 -16.61
C ALA A 386 -5.08 -9.15 -17.66
N SER A 387 -4.52 -9.83 -18.66
CA SER A 387 -3.78 -9.13 -19.71
C SER A 387 -4.65 -8.73 -20.89
N ILE A 388 -5.69 -9.50 -21.20
CA ILE A 388 -6.56 -9.17 -22.31
C ILE A 388 -7.40 -7.95 -21.98
N PHE A 389 -7.65 -7.68 -20.70
CA PHE A 389 -8.35 -6.44 -20.38
C PHE A 389 -7.45 -5.21 -20.57
N GLN A 390 -6.15 -5.35 -20.30
CA GLN A 390 -5.22 -4.28 -20.66
C GLN A 390 -5.16 -4.10 -22.17
N LEU A 391 -5.16 -5.20 -22.92
CA LEU A 391 -5.17 -5.10 -24.38
C LEU A 391 -6.46 -4.42 -24.88
N ALA A 392 -7.59 -4.73 -24.25
CA ALA A 392 -8.84 -4.09 -24.61
C ALA A 392 -8.81 -2.60 -24.29
N MET A 393 -8.21 -2.23 -23.16
CA MET A 393 -8.00 -0.82 -22.86
C MET A 393 -7.18 -0.14 -23.95
N TRP A 394 -6.12 -0.81 -24.40
CA TRP A 394 -5.26 -0.24 -25.42
C TRP A 394 -6.02 -0.06 -26.74
N THR A 395 -6.80 -1.05 -27.14
CA THR A 395 -7.58 -0.92 -28.37
C THR A 395 -8.63 0.17 -28.26
N THR A 396 -9.32 0.25 -27.11
CA THR A 396 -10.31 1.31 -26.91
C THR A 396 -9.67 2.69 -26.99
N ALA A 397 -8.50 2.85 -26.39
CA ALA A 397 -7.79 4.12 -26.51
C ALA A 397 -7.36 4.38 -27.94
N LEU A 398 -7.01 3.33 -28.69
CA LEU A 398 -6.68 3.49 -30.10
C LEU A 398 -7.88 3.96 -30.90
N LEU A 399 -9.09 3.59 -30.48
CA LEU A 399 -10.30 4.05 -31.19
C LEU A 399 -10.39 5.56 -31.18
N HIS A 400 -10.06 6.19 -30.06
CA HIS A 400 -10.05 7.64 -29.91
C HIS A 400 -8.62 8.17 -29.78
N GLN A 401 -7.71 7.64 -30.61
CA GLN A 401 -6.29 7.95 -30.48
C GLN A 401 -5.99 9.44 -30.62
N ALA A 402 -6.88 10.20 -31.24
CA ALA A 402 -6.64 11.63 -31.43
C ALA A 402 -6.52 12.36 -30.09
N GLU A 403 -7.38 12.02 -29.14
CA GLU A 403 -7.45 12.72 -27.87
C GLU A 403 -7.03 11.88 -26.66
N THR A 404 -6.74 10.60 -26.85
CA THR A 404 -6.39 9.74 -25.71
C THR A 404 -4.96 9.24 -25.73
N LEU A 405 -4.27 9.31 -26.87
CA LEU A 405 -2.93 8.78 -27.01
C LEU A 405 -1.98 9.84 -27.55
N GLN A 406 -0.71 9.71 -27.16
CA GLN A 406 0.32 10.58 -27.69
C GLN A 406 0.56 10.28 -29.16
N PRO A 407 1.09 11.23 -29.92
CA PRO A 407 1.30 11.00 -31.36
C PRO A 407 2.22 9.83 -31.67
N SER A 408 3.10 9.45 -30.74
CA SER A 408 4.04 8.38 -31.00
C SER A 408 3.34 7.02 -31.12
N VAL A 409 2.27 6.81 -30.36
CA VAL A 409 1.61 5.52 -30.32
C VAL A 409 0.32 5.51 -31.15
N TRP A 410 0.19 6.44 -32.09
CA TRP A 410 -0.95 6.42 -33.00
C TRP A 410 -0.78 5.31 -34.03
N PHE A 411 -1.85 5.05 -34.78
CA PHE A 411 -1.81 4.05 -35.84
C PHE A 411 -0.73 4.39 -36.85
N GLY A 412 0.20 3.46 -37.06
CA GLY A 412 1.34 3.71 -37.90
C GLY A 412 2.42 4.57 -37.27
N GLY A 413 2.38 4.77 -35.96
CA GLY A 413 3.34 5.61 -35.28
C GLY A 413 4.66 4.92 -35.03
N ARG A 414 5.56 5.66 -34.39
CA ARG A 414 6.90 5.16 -34.12
C ARG A 414 6.87 3.99 -33.13
N GLU A 415 6.05 4.11 -32.08
CA GLU A 415 6.03 3.14 -30.98
C GLU A 415 4.76 2.30 -30.99
N HIS A 416 3.94 2.42 -32.05
CA HIS A 416 2.65 1.73 -32.09
C HIS A 416 2.84 0.21 -32.03
N VAL A 417 3.67 -0.34 -32.90
CA VAL A 417 3.87 -1.79 -32.92
C VAL A 417 4.56 -2.27 -31.65
N LEU A 418 5.52 -1.48 -31.14
CA LEU A 418 6.20 -1.86 -29.91
C LEU A 418 5.22 -1.96 -28.74
N MET A 419 4.32 -0.97 -28.62
CA MET A 419 3.35 -1.01 -27.53
C MET A 419 2.33 -2.12 -27.74
N PHE A 420 1.94 -2.36 -28.99
CA PHE A 420 1.04 -3.47 -29.30
C PHE A 420 1.65 -4.80 -28.85
N ALA A 421 2.92 -5.02 -29.18
CA ALA A 421 3.59 -6.25 -28.76
C ALA A 421 3.73 -6.30 -27.24
N LYS A 422 4.03 -5.16 -26.62
CA LYS A 422 4.19 -5.14 -25.16
C LYS A 422 2.90 -5.54 -24.46
N LEU A 423 1.76 -5.06 -24.95
CA LEU A 423 0.49 -5.39 -24.32
C LEU A 423 -0.09 -6.71 -24.79
N ALA A 424 0.39 -7.28 -25.89
CA ALA A 424 -0.08 -8.57 -26.37
C ALA A 424 0.86 -9.72 -26.04
N LEU A 425 2.00 -9.45 -25.40
CA LEU A 425 2.92 -10.52 -25.03
C LEU A 425 2.23 -11.55 -24.13
N TYR A 426 1.51 -11.08 -23.13
CA TYR A 426 0.96 -11.97 -22.11
C TYR A 426 -0.32 -12.68 -22.59
N PRO A 427 -1.26 -12.00 -23.24
CA PRO A 427 -2.46 -12.72 -23.71
C PRO A 427 -2.13 -13.85 -24.68
N CYS A 428 -1.28 -13.59 -25.67
CA CYS A 428 -0.91 -14.64 -26.60
C CYS A 428 -0.17 -15.78 -25.90
N ALA A 429 0.73 -15.45 -24.98
CA ALA A 429 1.47 -16.49 -24.26
C ALA A 429 0.52 -17.38 -23.47
N SER A 430 -0.43 -16.77 -22.75
CA SER A 430 -1.42 -17.56 -22.01
C SER A 430 -2.28 -18.39 -22.96
N LEU A 431 -2.61 -17.83 -24.13
CA LEU A 431 -3.44 -18.57 -25.08
C LEU A 431 -2.71 -19.81 -25.61
N LEU A 432 -1.44 -19.66 -25.97
CA LEU A 432 -0.69 -20.82 -26.45
C LEU A 432 -0.46 -21.83 -25.32
N ALA A 433 -0.24 -21.36 -24.09
CA ALA A 433 -0.10 -22.30 -22.99
C ALA A 433 -1.39 -23.09 -22.77
N PHE A 434 -2.54 -22.41 -22.81
CA PHE A 434 -3.82 -23.09 -22.65
C PHE A 434 -4.06 -24.07 -23.80
N ALA A 435 -3.69 -23.68 -25.02
CA ALA A 435 -3.84 -24.58 -26.15
C ALA A 435 -2.95 -25.81 -26.01
N SER A 436 -1.74 -25.62 -25.52
CA SER A 436 -0.84 -26.75 -25.30
C SER A 436 -1.35 -27.66 -24.20
N THR A 437 -2.05 -27.11 -23.21
CA THR A 437 -2.64 -27.97 -22.18
C THR A 437 -3.66 -28.95 -22.75
N CYS A 438 -4.18 -28.69 -23.94
CA CYS A 438 -5.11 -29.61 -24.59
C CYS A 438 -4.48 -30.38 -25.75
N LEU A 439 -3.46 -29.82 -26.40
CA LEU A 439 -2.81 -30.48 -27.53
C LEU A 439 -1.54 -31.23 -27.10
N LEU A 440 -0.73 -30.62 -26.24
CA LEU A 440 0.51 -31.23 -25.76
C LEU A 440 0.46 -31.41 -24.26
N SER A 441 -0.65 -31.95 -23.74
CA SER A 441 -0.87 -32.01 -22.30
C SER A 441 0.25 -32.74 -21.57
N ARG A 442 0.90 -33.69 -22.23
CA ARG A 442 1.96 -34.45 -21.58
C ARG A 442 3.06 -33.54 -21.05
N PHE A 443 3.34 -32.45 -21.76
CA PHE A 443 4.37 -31.49 -21.37
C PHE A 443 3.77 -30.22 -20.79
N SER A 444 2.47 -30.25 -20.46
CA SER A 444 1.73 -29.03 -20.14
C SER A 444 2.45 -28.20 -19.09
N VAL A 445 2.60 -28.74 -17.87
CA VAL A 445 3.25 -27.97 -16.81
C VAL A 445 4.63 -27.51 -17.26
N GLY A 446 5.36 -28.37 -17.96
CA GLY A 446 6.67 -27.99 -18.45
C GLY A 446 6.61 -26.72 -19.28
N ILE A 447 5.74 -26.72 -20.30
CA ILE A 447 5.67 -25.53 -21.14
C ILE A 447 5.21 -24.34 -20.31
N PHE A 448 4.32 -24.59 -19.34
CA PHE A 448 3.92 -23.51 -18.44
C PHE A 448 5.13 -22.90 -17.77
N HIS A 449 5.99 -23.75 -17.20
CA HIS A 449 7.21 -23.23 -16.60
C HIS A 449 8.07 -22.53 -17.65
N LEU A 450 8.13 -23.10 -18.85
CA LEU A 450 8.87 -22.44 -19.94
C LEU A 450 8.30 -21.04 -20.18
N MET A 451 6.97 -20.91 -20.13
CA MET A 451 6.37 -19.59 -20.27
C MET A 451 6.87 -18.63 -19.20
N GLN A 452 6.92 -19.10 -17.95
CA GLN A 452 7.42 -18.26 -16.87
C GLN A 452 8.86 -17.84 -17.10
N ILE A 453 9.59 -18.62 -17.89
CA ILE A 453 10.96 -18.25 -18.23
C ILE A 453 10.97 -17.42 -19.51
N ALA A 454 10.07 -17.72 -20.45
CA ALA A 454 10.10 -17.07 -21.75
C ALA A 454 9.59 -15.64 -21.69
N VAL A 455 8.51 -15.41 -20.95
CA VAL A 455 7.86 -14.10 -20.97
C VAL A 455 8.77 -12.98 -20.46
N PRO A 456 9.43 -13.11 -19.29
CA PRO A 456 10.34 -12.03 -18.87
C PRO A 456 11.44 -11.75 -19.88
N CYS A 457 12.05 -12.80 -20.44
CA CYS A 457 13.07 -12.61 -21.46
C CYS A 457 12.48 -11.91 -22.68
N ALA A 458 11.28 -12.30 -23.09
CA ALA A 458 10.61 -11.60 -24.18
C ALA A 458 10.39 -10.13 -23.84
N PHE A 459 10.20 -9.82 -22.56
CA PHE A 459 10.09 -8.42 -22.16
C PHE A 459 11.45 -7.75 -22.18
N LEU A 460 12.51 -8.49 -21.87
CA LEU A 460 13.85 -7.92 -21.88
C LEU A 460 14.28 -7.58 -23.31
N LEU A 461 13.97 -8.44 -24.27
CA LEU A 461 14.37 -8.24 -25.66
C LEU A 461 13.16 -7.97 -26.56
N LEU A 462 12.19 -7.20 -26.04
CA LEU A 462 10.99 -6.92 -26.82
C LEU A 462 11.31 -6.09 -28.06
N ARG A 463 12.19 -5.09 -27.92
CA ARG A 463 12.55 -4.27 -29.07
C ARG A 463 13.25 -5.09 -30.14
N LEU A 464 14.12 -6.01 -29.74
CA LEU A 464 14.77 -6.89 -30.70
C LEU A 464 13.76 -7.78 -31.42
N LEU A 465 12.79 -8.32 -30.69
CA LEU A 465 11.77 -9.16 -31.31
C LEU A 465 10.91 -8.35 -32.29
N VAL A 466 10.56 -7.12 -31.91
CA VAL A 466 9.77 -6.27 -32.79
C VAL A 466 10.56 -5.92 -34.04
N GLY A 467 11.85 -5.62 -33.89
CA GLY A 467 12.68 -5.38 -35.05
C GLY A 467 12.81 -6.58 -35.96
N LEU A 468 12.91 -7.78 -35.37
CA LEU A 468 12.95 -9.00 -36.17
C LEU A 468 11.65 -9.20 -36.94
N ALA A 469 10.51 -8.95 -36.28
CA ALA A 469 9.23 -9.06 -36.97
C ALA A 469 9.11 -8.03 -38.09
N LEU A 470 9.61 -6.81 -37.85
CA LEU A 470 9.58 -5.79 -38.89
C LEU A 470 10.45 -6.18 -40.07
N ALA A 471 11.63 -6.76 -39.81
CA ALA A 471 12.47 -7.25 -40.89
C ALA A 471 11.80 -8.37 -41.66
N THR A 472 11.12 -9.27 -40.95
CA THR A 472 10.40 -10.36 -41.62
C THR A 472 9.29 -9.81 -42.52
N LEU A 473 8.57 -8.80 -42.05
CA LEU A 473 7.58 -8.15 -42.89
C LEU A 473 8.23 -7.45 -44.08
N ARG A 474 9.40 -6.84 -43.85
CA ARG A 474 10.10 -6.12 -44.91
C ARG A 474 10.52 -7.08 -46.04
N VAL A 475 11.05 -8.24 -45.68
CA VAL A 475 11.48 -9.19 -46.71
C VAL A 475 10.28 -9.88 -47.35
N LEU A 476 9.12 -9.82 -46.70
CA LEU A 476 7.90 -10.40 -47.25
C LEU A 476 7.13 -9.36 -48.06
N ILE B 30 13.61 6.45 -23.79
CA ILE B 30 13.67 7.54 -22.82
C ILE B 30 12.26 7.97 -22.45
N GLN B 31 11.95 7.92 -21.16
CA GLN B 31 10.62 8.28 -20.68
C GLN B 31 10.73 8.74 -19.23
N CYS B 32 9.67 9.42 -18.78
CA CYS B 32 9.64 9.97 -17.44
C CYS B 32 9.59 8.86 -16.40
N SER B 33 10.14 9.13 -15.21
CA SER B 33 10.36 8.10 -14.20
C SER B 33 9.63 8.37 -12.90
N GLN B 34 8.57 9.20 -12.91
CA GLN B 34 7.85 9.47 -11.67
C GLN B 34 7.02 8.26 -11.25
N ARG B 35 6.32 7.63 -12.18
CA ARG B 35 5.43 6.53 -11.81
C ARG B 35 6.20 5.29 -11.39
N MET B 36 7.35 5.03 -12.03
CA MET B 36 8.17 3.91 -11.63
C MET B 36 8.66 4.07 -10.21
N LEU B 37 9.10 5.27 -9.85
CA LEU B 37 9.54 5.52 -8.48
C LEU B 37 8.37 5.51 -7.50
N SER B 38 7.18 5.91 -7.94
CA SER B 38 6.01 5.80 -7.07
C SER B 38 5.70 4.35 -6.76
N PHE B 39 5.76 3.49 -7.78
CA PHE B 39 5.59 2.05 -7.56
C PHE B 39 6.67 1.50 -6.64
N SER B 40 7.91 1.98 -6.82
CA SER B 40 8.99 1.57 -5.93
C SER B 40 8.71 1.96 -4.49
N ASP B 41 8.22 3.18 -4.28
CA ASP B 41 7.88 3.63 -2.92
C ASP B 41 6.76 2.80 -2.32
N ALA B 42 5.75 2.46 -3.12
CA ALA B 42 4.68 1.61 -2.61
C ALA B 42 5.21 0.25 -2.18
N LEU B 43 6.01 -0.39 -3.04
CA LEU B 43 6.58 -1.68 -2.69
C LEU B 43 7.46 -1.59 -1.46
N LEU B 44 8.28 -0.54 -1.37
CA LEU B 44 9.20 -0.41 -0.25
C LEU B 44 8.47 -0.12 1.05
N SER B 45 7.38 0.65 1.01
CA SER B 45 6.58 0.84 2.21
C SER B 45 5.94 -0.47 2.67
N ILE B 46 5.42 -1.26 1.72
CA ILE B 46 4.86 -2.56 2.09
C ILE B 46 5.93 -3.45 2.72
N ILE B 47 7.12 -3.47 2.13
CA ILE B 47 8.19 -4.32 2.65
C ILE B 47 8.67 -3.82 4.01
N ALA B 48 8.68 -2.50 4.22
CA ALA B 48 9.08 -1.96 5.51
C ALA B 48 8.08 -2.31 6.59
N THR B 49 6.79 -2.30 6.26
CA THR B 49 5.74 -2.52 7.25
C THR B 49 5.25 -3.97 7.29
N VAL B 50 5.89 -4.88 6.55
CA VAL B 50 5.51 -6.29 6.64
C VAL B 50 5.69 -6.83 8.07
N MET B 51 6.72 -6.39 8.77
CA MET B 51 7.08 -7.04 10.02
C MET B 51 6.27 -6.55 11.21
N ILE B 52 5.34 -5.63 11.03
CA ILE B 52 4.45 -5.26 12.12
C ILE B 52 3.30 -6.23 12.27
N LEU B 53 2.98 -7.01 11.22
CA LEU B 53 1.93 -8.01 11.34
C LEU B 53 2.22 -9.08 12.39
N PRO B 54 3.43 -9.65 12.48
CA PRO B 54 3.68 -10.59 13.60
C PRO B 54 3.53 -9.95 14.97
N VAL B 55 3.69 -8.64 15.08
CA VAL B 55 3.53 -7.97 16.37
C VAL B 55 2.06 -7.83 16.72
N THR B 56 1.26 -7.30 15.79
CA THR B 56 -0.16 -7.08 16.07
C THR B 56 -0.93 -8.39 16.19
N HIS B 57 -0.37 -9.49 15.71
CA HIS B 57 -1.01 -10.80 15.81
C HIS B 57 -0.57 -11.58 17.04
N THR B 58 0.31 -11.03 17.85
CA THR B 58 0.80 -11.75 18.99
C THR B 58 -0.34 -11.77 19.92
N GLU B 59 -0.56 -12.87 20.63
CA GLU B 59 -1.61 -12.82 21.64
C GLU B 59 -1.25 -11.94 22.83
N ILE B 60 -2.21 -11.20 23.37
CA ILE B 60 -1.97 -10.26 24.48
C ILE B 60 -0.89 -10.66 25.47
N ASP B 67 3.42 -16.06 31.79
CA ASP B 67 3.11 -14.72 31.29
C ASP B 67 4.37 -14.04 30.77
N ARG B 68 5.50 -14.28 31.45
CA ARG B 68 6.75 -13.65 31.05
C ARG B 68 7.18 -14.10 29.65
N SER B 69 6.81 -15.32 29.25
CA SER B 69 7.14 -15.80 27.91
C SER B 69 6.47 -14.94 26.85
N VAL B 70 5.21 -14.56 27.08
CA VAL B 70 4.51 -13.71 26.12
C VAL B 70 5.16 -12.34 26.03
N GLN B 71 5.58 -11.78 27.17
CA GLN B 71 6.26 -10.48 27.16
C GLN B 71 7.59 -10.58 26.42
N ARG B 72 8.35 -11.65 26.64
CA ARG B 72 9.61 -11.84 25.92
C ARG B 72 9.38 -11.96 24.43
N LEU B 73 8.36 -12.72 24.03
CA LEU B 73 8.05 -12.87 22.61
C LEU B 73 7.65 -11.52 22.00
N LEU B 74 6.85 -10.74 22.73
CA LEU B 74 6.45 -9.44 22.22
C LEU B 74 7.65 -8.50 22.08
N ALA B 75 8.55 -8.52 23.06
CA ALA B 75 9.75 -7.69 22.98
C ALA B 75 10.61 -8.09 21.79
N THR B 76 10.79 -9.40 21.58
CA THR B 76 11.59 -9.85 20.45
C THR B 76 10.95 -9.46 19.13
N ARG B 77 9.63 -9.59 19.03
CA ARG B 77 8.94 -9.22 17.80
C ARG B 77 9.02 -7.72 17.54
N ILE B 78 8.91 -6.90 18.58
CA ILE B 78 9.04 -5.46 18.42
C ILE B 78 10.44 -5.09 17.97
N ALA B 79 11.46 -5.73 18.57
CA ALA B 79 12.84 -5.46 18.16
C ALA B 79 13.07 -5.86 16.71
N VAL B 80 12.54 -7.02 16.31
CA VAL B 80 12.68 -7.48 14.93
C VAL B 80 11.99 -6.51 13.98
N TYR B 81 10.80 -6.05 14.34
CA TYR B 81 10.09 -5.09 13.50
C TYR B 81 10.88 -3.81 13.34
N LEU B 82 11.42 -3.29 14.44
CA LEU B 82 12.18 -2.04 14.37
C LEU B 82 13.42 -2.20 13.52
N MET B 83 14.16 -3.30 13.72
CA MET B 83 15.37 -3.51 12.93
C MET B 83 15.06 -3.69 11.45
N THR B 84 14.01 -4.45 11.13
CA THR B 84 13.65 -4.65 9.73
C THR B 84 13.18 -3.34 9.10
N PHE B 85 12.42 -2.53 9.83
CA PHE B 85 12.00 -1.23 9.31
C PHE B 85 13.19 -0.34 9.05
N LEU B 86 14.16 -0.31 9.97
CA LEU B 86 15.35 0.50 9.76
C LEU B 86 16.14 0.01 8.55
N ILE B 87 16.28 -1.31 8.39
CA ILE B 87 17.05 -1.85 7.27
C ILE B 87 16.37 -1.53 5.96
N VAL B 88 15.05 -1.74 5.89
CA VAL B 88 14.33 -1.47 4.64
C VAL B 88 14.32 0.03 4.34
N THR B 89 14.27 0.87 5.36
CA THR B 89 14.35 2.32 5.10
C THR B 89 15.74 2.72 4.64
N VAL B 90 16.78 2.06 5.13
CA VAL B 90 18.13 2.30 4.61
C VAL B 90 18.20 1.91 3.14
N ALA B 91 17.62 0.76 2.79
CA ALA B 91 17.59 0.33 1.40
C ALA B 91 16.80 1.30 0.53
N TRP B 92 15.68 1.80 1.04
CA TRP B 92 14.88 2.77 0.30
C TRP B 92 15.64 4.08 0.11
N ALA B 93 16.36 4.53 1.15
CA ALA B 93 17.15 5.74 1.02
C ALA B 93 18.25 5.57 -0.02
N ALA B 94 18.91 4.40 -0.03
CA ALA B 94 19.91 4.13 -1.05
C ALA B 94 19.29 4.13 -2.43
N HIS B 95 18.10 3.54 -2.57
CA HIS B 95 17.42 3.54 -3.86
C HIS B 95 17.07 4.96 -4.30
N THR B 96 16.59 5.79 -3.38
CA THR B 96 16.19 7.16 -3.72
C THR B 96 17.39 7.98 -4.16
N ARG B 97 18.49 7.91 -3.40
CA ARG B 97 19.68 8.66 -3.79
C ARG B 97 20.41 8.01 -4.96
N LEU B 98 20.08 6.77 -5.32
CA LEU B 98 20.53 6.19 -6.58
C LEU B 98 19.77 6.79 -7.75
N PHE B 99 18.45 6.88 -7.66
CA PHE B 99 17.67 7.37 -8.79
C PHE B 99 17.58 8.88 -8.85
N GLN B 100 18.19 9.59 -7.89
CA GLN B 100 18.47 11.00 -8.10
C GLN B 100 19.52 11.18 -9.18
N VAL B 101 20.54 10.32 -9.19
CA VAL B 101 21.56 10.37 -10.24
C VAL B 101 20.97 9.96 -11.58
N VAL B 102 20.23 8.84 -11.60
CA VAL B 102 19.62 8.34 -12.82
C VAL B 102 18.33 9.13 -13.04
N GLY B 103 18.41 10.19 -13.85
CA GLY B 103 17.30 11.09 -14.04
C GLY B 103 16.07 10.45 -14.65
N LYS B 104 16.23 9.95 -15.87
CA LYS B 104 15.10 9.34 -16.58
C LYS B 104 15.12 7.83 -16.46
N THR B 105 14.18 7.18 -17.12
CA THR B 105 14.07 5.73 -17.08
C THR B 105 13.82 5.19 -18.48
N ASP B 106 13.98 3.87 -18.60
CA ASP B 106 13.78 3.18 -19.87
C ASP B 106 13.18 1.81 -19.56
N ASP B 107 12.89 1.05 -20.63
CA ASP B 107 12.31 -0.28 -20.45
C ASP B 107 13.24 -1.19 -19.67
N THR B 108 14.51 -1.27 -20.09
CA THR B 108 15.47 -2.10 -19.38
C THR B 108 15.71 -1.56 -17.97
N LEU B 109 15.72 -0.24 -17.80
CA LEU B 109 15.83 0.33 -16.46
C LEU B 109 14.63 -0.03 -15.61
N ALA B 110 13.43 -0.04 -16.20
CA ALA B 110 12.24 -0.44 -15.44
C ALA B 110 12.33 -1.89 -15.01
N LEU B 111 12.77 -2.78 -15.89
CA LEU B 111 12.91 -4.18 -15.53
C LEU B 111 13.97 -4.38 -14.46
N LEU B 112 15.09 -3.67 -14.57
CA LEU B 112 16.13 -3.76 -13.56
C LEU B 112 15.64 -3.22 -12.22
N ASN B 113 14.83 -2.16 -12.24
CA ASN B 113 14.24 -1.66 -11.00
C ASN B 113 13.29 -2.68 -10.38
N LEU B 114 12.52 -3.37 -11.22
CA LEU B 114 11.66 -4.43 -10.71
C LEU B 114 12.47 -5.54 -10.05
N ALA B 115 13.59 -5.92 -10.69
CA ALA B 115 14.46 -6.92 -10.08
C ALA B 115 15.04 -6.43 -8.76
N CYS B 116 15.43 -5.16 -8.70
CA CYS B 116 15.93 -4.59 -7.45
C CYS B 116 14.87 -4.62 -6.37
N MET B 117 13.63 -4.29 -6.72
CA MET B 117 12.54 -4.36 -5.75
C MET B 117 12.33 -5.79 -5.25
N MET B 118 12.37 -6.77 -6.16
CA MET B 118 12.21 -8.16 -5.74
C MET B 118 13.33 -8.57 -4.79
N THR B 119 14.56 -8.16 -5.07
CA THR B 119 15.66 -8.51 -4.19
C THR B 119 15.53 -7.82 -2.84
N ILE B 120 14.98 -6.59 -2.81
CA ILE B 120 14.78 -5.91 -1.55
C ILE B 120 13.65 -6.54 -0.73
N THR B 121 12.63 -7.10 -1.38
CA THR B 121 11.51 -7.69 -0.66
C THR B 121 11.92 -8.83 0.26
N PHE B 122 13.09 -9.41 0.07
CA PHE B 122 13.56 -10.53 0.89
C PHE B 122 14.35 -10.07 2.12
N LEU B 123 14.54 -8.77 2.30
CA LEU B 123 15.28 -8.29 3.47
C LEU B 123 14.59 -8.65 4.80
N PRO B 124 13.28 -8.39 4.98
CA PRO B 124 12.70 -8.69 6.30
C PRO B 124 12.67 -10.17 6.64
N TYR B 125 12.22 -11.03 5.72
CA TYR B 125 12.17 -12.46 6.00
C TYR B 125 13.55 -13.02 6.29
N THR B 126 14.53 -12.64 5.47
CA THR B 126 15.86 -13.20 5.64
C THR B 126 16.52 -12.68 6.91
N PHE B 127 16.27 -11.41 7.25
CA PHE B 127 16.78 -10.89 8.51
C PHE B 127 16.14 -11.58 9.71
N SER B 128 14.84 -11.89 9.61
CA SER B 128 14.17 -12.62 10.68
C SER B 128 14.74 -14.02 10.83
N LEU B 129 15.00 -14.69 9.71
CA LEU B 129 15.63 -16.01 9.76
C LEU B 129 17.03 -15.90 10.36
N MET B 130 17.75 -14.83 10.02
CA MET B 130 19.06 -14.57 10.59
C MET B 130 19.02 -14.42 12.10
N VAL B 131 18.10 -13.60 12.61
CA VAL B 131 18.04 -13.34 14.04
C VAL B 131 17.39 -14.48 14.80
N THR B 132 16.65 -15.35 14.13
CA THR B 132 16.09 -16.51 14.80
C THR B 132 17.16 -17.57 15.08
N PHE B 133 18.18 -17.64 14.22
CA PHE B 133 19.28 -18.59 14.37
C PHE B 133 20.59 -17.81 14.33
N PRO B 134 20.93 -17.12 15.42
CA PRO B 134 22.13 -16.27 15.41
C PRO B 134 23.42 -17.04 15.22
N ASP B 135 23.50 -18.27 15.73
CA ASP B 135 24.74 -19.05 15.68
C ASP B 135 24.83 -19.96 14.47
N VAL B 136 23.84 -19.96 13.60
CA VAL B 136 23.84 -20.75 12.38
C VAL B 136 24.35 -19.87 11.24
N PRO B 137 25.46 -20.23 10.58
CA PRO B 137 26.00 -19.37 9.52
C PRO B 137 25.09 -19.22 8.32
N LEU B 138 24.11 -20.11 8.14
CA LEU B 138 23.25 -20.05 6.96
C LEU B 138 22.43 -18.77 6.93
N GLY B 139 21.90 -18.34 8.08
CA GLY B 139 21.10 -17.12 8.11
C GLY B 139 21.90 -15.89 7.76
N ILE B 140 23.11 -15.78 8.33
CA ILE B 140 23.99 -14.66 8.02
C ILE B 140 24.38 -14.70 6.54
N PHE B 141 24.66 -15.90 6.03
CA PHE B 141 25.01 -16.04 4.62
C PHE B 141 23.87 -15.58 3.72
N LEU B 142 22.63 -15.96 4.07
CA LEU B 142 21.49 -15.54 3.26
C LEU B 142 21.27 -14.04 3.32
N PHE B 143 21.45 -13.43 4.50
CA PHE B 143 21.29 -11.98 4.61
C PHE B 143 22.35 -11.25 3.78
N CYS B 144 23.59 -11.72 3.86
CA CYS B 144 24.66 -11.13 3.06
C CYS B 144 24.39 -11.32 1.57
N VAL B 145 23.87 -12.48 1.18
CA VAL B 145 23.57 -12.73 -0.22
C VAL B 145 22.46 -11.81 -0.71
N CYS B 146 21.44 -11.58 0.12
CA CYS B 146 20.36 -10.67 -0.26
C CYS B 146 20.89 -9.25 -0.45
N VAL B 147 21.71 -8.77 0.50
CA VAL B 147 22.26 -7.42 0.38
C VAL B 147 23.15 -7.33 -0.86
N ILE B 148 23.96 -8.36 -1.10
CA ILE B 148 24.85 -8.37 -2.26
C ILE B 148 24.03 -8.35 -3.55
N ALA B 149 22.93 -9.09 -3.59
CA ALA B 149 22.09 -9.10 -4.78
C ALA B 149 21.49 -7.72 -5.04
N ILE B 150 21.01 -7.05 -3.98
CA ILE B 150 20.49 -5.70 -4.14
C ILE B 150 21.58 -4.77 -4.68
N GLY B 151 22.78 -4.87 -4.11
CA GLY B 151 23.87 -4.03 -4.57
C GLY B 151 24.28 -4.32 -5.99
N VAL B 152 24.27 -5.58 -6.39
CA VAL B 152 24.65 -5.96 -7.75
C VAL B 152 23.63 -5.43 -8.75
N VAL B 153 22.34 -5.55 -8.44
CA VAL B 153 21.32 -5.01 -9.33
C VAL B 153 21.46 -3.49 -9.44
N GLN B 154 21.72 -2.82 -8.32
CA GLN B 154 21.89 -1.37 -8.36
C GLN B 154 23.12 -0.99 -9.17
N ALA B 155 24.21 -1.75 -9.04
CA ALA B 155 25.42 -1.48 -9.82
C ALA B 155 25.16 -1.67 -11.31
N LEU B 156 24.38 -2.70 -11.66
CA LEU B 156 24.00 -2.87 -13.06
C LEU B 156 23.17 -1.71 -13.55
N ILE B 157 22.26 -1.20 -12.71
CA ILE B 157 21.46 -0.04 -13.08
C ILE B 157 22.35 1.16 -13.34
N VAL B 158 23.31 1.40 -12.44
CA VAL B 158 24.22 2.54 -12.60
C VAL B 158 25.06 2.40 -13.87
N GLY B 159 25.58 1.19 -14.10
CA GLY B 159 26.38 0.97 -15.30
C GLY B 159 25.59 1.20 -16.57
N TYR B 160 24.35 0.71 -16.61
CA TYR B 160 23.51 0.96 -17.78
C TYR B 160 23.22 2.44 -17.95
N ALA B 161 22.95 3.15 -16.85
CA ALA B 161 22.66 4.57 -16.93
C ALA B 161 23.86 5.35 -17.46
N PHE B 162 25.06 5.00 -16.99
CA PHE B 162 26.26 5.72 -17.45
C PHE B 162 26.64 5.32 -18.86
N HIS B 163 26.28 4.11 -19.29
CA HIS B 163 26.54 3.72 -20.68
C HIS B 163 25.67 4.49 -21.65
N PHE B 164 24.49 4.94 -21.21
CA PHE B 164 23.59 5.75 -22.02
C PHE B 164 23.42 7.09 -21.33
N PRO B 165 24.23 8.10 -21.66
CA PRO B 165 24.26 9.32 -20.84
C PRO B 165 22.96 10.10 -20.86
N HIS B 166 22.09 9.89 -21.85
CA HIS B 166 20.84 10.63 -21.89
C HIS B 166 19.91 10.26 -20.75
N LEU B 167 20.15 9.13 -20.08
CA LEU B 167 19.33 8.72 -18.95
C LEU B 167 19.73 9.40 -17.65
N LEU B 168 20.91 10.02 -17.59
CA LEU B 168 21.37 10.66 -16.37
C LEU B 168 20.68 12.00 -16.18
N SER B 169 20.82 12.54 -14.97
CA SER B 169 20.34 13.87 -14.69
C SER B 169 21.19 14.91 -15.43
N PRO B 170 20.62 16.08 -15.76
CA PRO B 170 21.39 17.06 -16.53
C PRO B 170 22.69 17.49 -15.85
N GLN B 171 22.70 17.57 -14.52
CA GLN B 171 23.93 17.94 -13.82
C GLN B 171 25.03 16.91 -14.05
N ILE B 172 24.69 15.63 -13.99
CA ILE B 172 25.66 14.59 -14.30
C ILE B 172 25.98 14.59 -15.79
N GLN B 173 24.97 14.82 -16.62
CA GLN B 173 25.18 14.76 -18.05
C GLN B 173 26.13 15.83 -18.43
N ARG B 174 26.34 16.79 -17.53
CA ARG B 174 27.19 17.92 -17.91
C ARG B 174 28.42 17.97 -17.07
N SER B 175 28.49 17.14 -16.04
CA SER B 175 29.61 17.21 -15.12
C SER B 175 30.96 17.13 -15.75
N ALA B 176 31.90 17.89 -15.20
CA ALA B 176 33.26 17.88 -15.69
C ALA B 176 33.78 16.47 -15.87
N HIS B 177 33.79 15.72 -14.78
CA HIS B 177 34.26 14.36 -14.85
C HIS B 177 33.08 13.49 -14.54
N ARG B 178 32.40 13.03 -15.57
CA ARG B 178 31.22 12.24 -15.37
C ARG B 178 31.62 10.88 -14.87
N ALA B 179 32.77 10.38 -15.28
CA ALA B 179 33.13 9.03 -14.90
C ALA B 179 33.70 8.96 -13.53
N LEU B 180 33.97 10.11 -12.94
CA LEU B 180 34.45 10.09 -11.58
C LEU B 180 33.23 9.89 -10.79
N TYR B 181 32.13 10.44 -11.24
CA TYR B 181 30.87 10.22 -10.56
C TYR B 181 30.55 8.76 -10.62
N ARG B 182 30.93 8.08 -11.70
CA ARG B 182 30.71 6.68 -11.73
C ARG B 182 31.60 6.00 -10.75
N ARG B 183 32.89 6.30 -10.75
CA ARG B 183 33.81 5.61 -9.88
C ARG B 183 33.30 5.79 -8.48
N HIS B 184 32.56 6.85 -8.29
CA HIS B 184 32.05 7.17 -6.96
C HIS B 184 30.74 6.44 -6.68
N VAL B 185 29.82 6.42 -7.65
CA VAL B 185 28.55 5.74 -7.43
C VAL B 185 28.74 4.23 -7.34
N LEU B 186 29.62 3.66 -8.17
CA LEU B 186 29.92 2.23 -8.03
C LEU B 186 30.49 1.92 -6.65
N GLY B 187 31.41 2.75 -6.16
CA GLY B 187 31.94 2.52 -4.82
C GLY B 187 30.87 2.60 -3.75
N ILE B 188 30.01 3.62 -3.82
CA ILE B 188 28.95 3.79 -2.84
C ILE B 188 28.00 2.59 -2.86
N VAL B 189 27.62 2.15 -4.06
CA VAL B 189 26.67 1.06 -4.19
C VAL B 189 27.28 -0.26 -3.72
N LEU B 190 28.54 -0.50 -4.06
CA LEU B 190 29.17 -1.80 -3.82
C LEU B 190 29.90 -1.88 -2.48
N GLN B 191 29.95 -0.80 -1.71
CA GLN B 191 30.55 -0.89 -0.38
C GLN B 191 29.83 -1.90 0.50
N GLY B 192 28.50 -1.84 0.53
CA GLY B 192 27.71 -2.75 1.32
C GLY B 192 27.86 -4.21 0.93
N PRO B 193 27.76 -4.50 -0.38
CA PRO B 193 28.01 -5.87 -0.83
C PRO B 193 29.38 -6.41 -0.45
N ALA B 194 30.43 -5.58 -0.50
CA ALA B 194 31.76 -6.08 -0.14
C ALA B 194 31.83 -6.42 1.34
N LEU B 195 31.31 -5.53 2.20
CA LEU B 195 31.33 -5.81 3.64
C LEU B 195 30.50 -7.04 3.97
N CYS B 196 29.34 -7.18 3.32
CA CYS B 196 28.52 -8.36 3.57
C CYS B 196 29.19 -9.63 3.03
N PHE B 197 29.94 -9.54 1.93
CA PHE B 197 30.65 -10.69 1.41
C PHE B 197 31.74 -11.13 2.40
N ALA B 198 32.46 -10.16 2.95
CA ALA B 198 33.46 -10.48 3.97
C ALA B 198 32.80 -11.07 5.22
N ALA B 199 31.63 -10.54 5.59
CA ALA B 199 30.90 -11.09 6.74
C ALA B 199 30.45 -12.53 6.46
N ALA B 200 30.02 -12.80 5.23
CA ALA B 200 29.67 -14.17 4.86
C ALA B 200 30.89 -15.09 4.94
N ILE B 201 32.07 -14.56 4.60
CA ILE B 201 33.30 -15.32 4.82
C ILE B 201 33.50 -15.62 6.30
N PHE B 202 33.37 -14.59 7.14
CA PHE B 202 33.67 -14.74 8.57
C PHE B 202 32.61 -15.54 9.32
N SER B 203 31.42 -15.70 8.76
CA SER B 203 30.37 -16.48 9.44
C SER B 203 30.82 -17.91 9.69
N LEU B 204 31.65 -18.47 8.81
CA LEU B 204 32.16 -19.81 9.01
C LEU B 204 33.35 -19.86 9.97
N PHE B 205 33.95 -18.71 10.28
CA PHE B 205 35.13 -18.66 11.13
C PHE B 205 34.95 -17.82 12.38
N PHE B 206 34.30 -16.65 12.28
CA PHE B 206 34.11 -15.79 13.46
C PHE B 206 32.82 -15.01 13.24
N VAL B 207 31.73 -15.51 13.83
CA VAL B 207 30.42 -14.89 13.65
C VAL B 207 30.36 -13.46 14.20
N PRO B 208 30.88 -13.16 15.40
CA PRO B 208 30.80 -11.77 15.87
C PRO B 208 31.45 -10.76 14.93
N LEU B 209 32.52 -11.15 14.24
CA LEU B 209 33.09 -10.26 13.23
C LEU B 209 32.11 -10.01 12.09
N SER B 210 31.38 -11.04 11.67
CA SER B 210 30.34 -10.85 10.66
C SER B 210 29.29 -9.86 11.16
N TYR B 211 28.91 -9.97 12.43
CA TYR B 211 28.00 -8.99 13.02
C TYR B 211 28.58 -7.59 12.96
N LEU B 212 29.88 -7.45 13.25
CA LEU B 212 30.51 -6.14 13.27
C LEU B 212 30.48 -5.48 11.90
N LEU B 213 30.93 -6.19 10.86
CA LEU B 213 30.86 -5.59 9.52
C LEU B 213 29.43 -5.38 9.05
N MET B 214 28.52 -6.27 9.44
CA MET B 214 27.13 -6.10 9.01
C MET B 214 26.49 -4.87 9.63
N VAL B 215 26.84 -4.54 10.88
CA VAL B 215 26.36 -3.29 11.47
C VAL B 215 27.12 -2.11 10.89
N THR B 216 28.37 -2.32 10.48
CA THR B 216 29.12 -1.25 9.83
C THR B 216 28.50 -0.87 8.49
N VAL B 217 27.88 -1.83 7.81
CA VAL B 217 27.23 -1.53 6.53
C VAL B 217 26.22 -0.41 6.68
N ILE B 218 25.38 -0.48 7.72
CA ILE B 218 24.39 0.57 7.93
C ILE B 218 25.01 1.78 8.62
N LEU B 219 26.02 1.58 9.48
CA LEU B 219 26.57 2.71 10.23
C LEU B 219 27.36 3.67 9.34
N LEU B 220 28.22 3.15 8.45
CA LEU B 220 29.22 4.00 7.81
C LEU B 220 28.64 5.14 6.99
N PRO B 221 27.61 4.96 6.16
CA PRO B 221 27.12 6.08 5.35
C PRO B 221 26.65 7.27 6.17
N TYR B 222 26.30 7.08 7.43
CA TYR B 222 25.89 8.17 8.31
C TYR B 222 26.96 8.58 9.31
N VAL B 223 27.84 7.65 9.72
CA VAL B 223 28.91 7.98 10.65
C VAL B 223 30.23 8.26 9.95
N SER B 224 30.30 8.11 8.62
CA SER B 224 31.52 8.35 7.85
C SER B 224 32.68 7.53 8.36
N GLU B 254 23.18 15.81 2.79
CA GLU B 254 22.68 15.85 1.43
C GLU B 254 21.15 15.78 1.40
N PRO B 255 20.53 16.59 0.56
CA PRO B 255 19.07 16.59 0.47
C PRO B 255 18.54 15.26 -0.05
N LEU B 256 17.34 14.92 0.41
CA LEU B 256 16.61 13.74 -0.05
C LEU B 256 15.38 14.21 -0.81
N SER B 257 15.07 13.52 -1.91
CA SER B 257 13.95 13.91 -2.76
C SER B 257 12.66 13.96 -1.95
N LYS B 258 12.01 15.13 -1.96
CA LYS B 258 10.81 15.30 -1.15
C LYS B 258 9.67 14.41 -1.64
N GLU B 259 9.57 14.19 -2.94
CA GLU B 259 8.52 13.34 -3.48
C GLU B 259 8.65 11.92 -2.96
N ARG B 260 9.89 11.40 -2.93
CA ARG B 260 10.10 10.04 -2.44
C ARG B 260 9.75 9.91 -0.96
N VAL B 261 10.15 10.90 -0.15
CA VAL B 261 9.83 10.87 1.28
C VAL B 261 8.33 10.94 1.48
N GLU B 262 7.66 11.83 0.73
CA GLU B 262 6.21 11.95 0.83
C GLU B 262 5.53 10.64 0.47
N ALA B 263 5.95 10.00 -0.62
CA ALA B 263 5.33 8.76 -1.05
C ALA B 263 5.56 7.63 -0.05
N PHE B 264 6.78 7.52 0.48
CA PHE B 264 7.07 6.48 1.47
C PHE B 264 6.25 6.70 2.74
N SER B 265 6.17 7.95 3.21
CA SER B 265 5.39 8.23 4.40
C SER B 265 3.90 7.98 4.17
N ASP B 266 3.39 8.34 2.99
CA ASP B 266 1.99 8.07 2.69
C ASP B 266 1.71 6.58 2.67
N GLY B 267 2.61 5.79 2.07
CA GLY B 267 2.42 4.35 2.07
C GLY B 267 2.45 3.77 3.46
N VAL B 268 3.40 4.21 4.29
CA VAL B 268 3.51 3.69 5.65
C VAL B 268 2.28 4.05 6.46
N TYR B 269 1.81 5.30 6.35
CA TYR B 269 0.62 5.71 7.09
C TYR B 269 -0.62 4.96 6.62
N ALA B 270 -0.77 4.77 5.32
CA ALA B 270 -1.92 4.03 4.80
C ALA B 270 -1.89 2.58 5.26
N ILE B 271 -0.71 1.97 5.30
CA ILE B 271 -0.61 0.58 5.73
C ILE B 271 -0.91 0.46 7.22
N VAL B 272 -0.32 1.33 8.03
CA VAL B 272 -0.48 1.23 9.48
C VAL B 272 -1.92 1.57 9.89
N ALA B 273 -2.54 2.54 9.21
CA ALA B 273 -3.89 2.95 9.57
C ALA B 273 -4.90 1.81 9.37
N THR B 274 -4.73 1.02 8.31
CA THR B 274 -5.71 0.01 7.91
C THR B 274 -5.29 -1.40 8.30
N LEU B 275 -4.37 -1.56 9.25
CA LEU B 275 -4.02 -2.90 9.71
C LEU B 275 -5.21 -3.58 10.39
N LEU B 276 -5.86 -2.86 11.31
CA LEU B 276 -6.89 -3.47 12.13
C LEU B 276 -8.14 -3.79 11.32
N ILE B 277 -8.50 -2.96 10.33
CA ILE B 277 -9.64 -3.30 9.49
C ILE B 277 -9.35 -4.53 8.65
N LEU B 278 -8.10 -4.66 8.18
CA LEU B 278 -7.73 -5.86 7.43
C LEU B 278 -7.85 -7.09 8.32
N ASP B 279 -7.37 -7.00 9.55
CA ASP B 279 -7.44 -8.12 10.49
C ASP B 279 -8.90 -8.47 10.77
N ILE B 280 -9.72 -7.46 10.98
CA ILE B 280 -11.14 -7.67 11.29
C ILE B 280 -11.84 -8.35 10.12
N CYS B 281 -11.58 -7.88 8.91
CA CYS B 281 -12.17 -8.51 7.73
C CYS B 281 -11.73 -9.95 7.58
N GLU B 282 -10.45 -10.22 7.88
CA GLU B 282 -9.94 -11.58 7.75
C GLU B 282 -10.56 -12.52 8.79
N ASP B 283 -10.62 -12.09 10.05
CA ASP B 283 -11.04 -12.97 11.14
C ASP B 283 -12.41 -12.68 11.71
N ASN B 284 -12.79 -11.42 11.87
CA ASN B 284 -13.91 -11.06 12.73
C ASN B 284 -15.23 -10.94 11.97
N VAL B 285 -15.40 -11.70 10.90
CA VAL B 285 -16.72 -11.82 10.26
C VAL B 285 -17.44 -12.98 10.93
N PRO B 286 -18.60 -12.75 11.53
CA PRO B 286 -19.27 -13.81 12.29
C PRO B 286 -19.61 -15.01 11.43
N ASP B 287 -19.48 -16.20 12.01
CA ASP B 287 -19.80 -17.46 11.35
C ASP B 287 -21.25 -17.83 11.64
N PRO B 288 -22.04 -18.18 10.61
CA PRO B 288 -23.46 -18.47 10.85
C PRO B 288 -23.72 -19.56 11.87
N LYS B 289 -22.91 -20.62 11.87
CA LYS B 289 -23.11 -21.70 12.84
C LYS B 289 -22.91 -21.19 14.26
N ASP B 290 -21.82 -20.46 14.50
CA ASP B 290 -21.59 -19.89 15.83
C ASP B 290 -22.63 -18.82 16.17
N VAL B 291 -23.10 -18.08 15.17
CA VAL B 291 -24.14 -17.08 15.41
C VAL B 291 -25.41 -17.74 15.91
N LYS B 292 -25.82 -18.83 15.25
CA LYS B 292 -27.06 -19.51 15.64
C LYS B 292 -26.87 -20.39 16.87
N GLU B 293 -25.63 -20.73 17.23
CA GLU B 293 -25.36 -21.62 18.35
C GLU B 293 -24.83 -20.88 19.56
N ARG B 294 -23.72 -20.17 19.48
CA ARG B 294 -23.25 -19.52 20.70
C ARG B 294 -24.13 -18.31 21.04
N PHE B 295 -24.57 -17.55 20.04
CA PHE B 295 -25.33 -16.33 20.33
C PHE B 295 -26.83 -16.51 20.10
N SER B 296 -27.29 -17.76 19.95
CA SER B 296 -28.71 -18.08 19.84
C SER B 296 -29.37 -17.34 18.68
N GLY B 297 -28.66 -17.21 17.57
CA GLY B 297 -29.20 -16.59 16.38
C GLY B 297 -29.24 -15.07 16.39
N SER B 298 -28.71 -14.43 17.43
CA SER B 298 -28.70 -12.98 17.51
C SER B 298 -27.40 -12.47 16.89
N LEU B 299 -27.50 -11.83 15.73
CA LEU B 299 -26.32 -11.31 15.06
C LEU B 299 -25.73 -10.13 15.82
N VAL B 300 -26.57 -9.31 16.47
CA VAL B 300 -26.06 -8.20 17.27
C VAL B 300 -25.25 -8.72 18.46
N ALA B 301 -25.68 -9.85 19.04
CA ALA B 301 -24.91 -10.45 20.12
C ALA B 301 -23.55 -10.93 19.62
N ALA B 302 -23.51 -11.50 18.41
CA ALA B 302 -22.24 -11.92 17.83
C ALA B 302 -21.32 -10.73 17.58
N LEU B 303 -21.87 -9.64 17.06
CA LEU B 303 -21.06 -8.45 16.79
C LEU B 303 -20.65 -7.72 18.05
N SER B 304 -21.37 -7.93 19.17
CA SER B 304 -21.01 -7.27 20.41
C SER B 304 -19.62 -7.71 20.90
N ALA B 305 -19.33 -9.01 20.80
CA ALA B 305 -18.02 -9.50 21.20
C ALA B 305 -16.91 -9.00 20.29
N THR B 306 -17.25 -8.54 19.08
CA THR B 306 -16.30 -7.97 18.14
C THR B 306 -16.10 -6.47 18.38
N GLY B 307 -16.95 -5.87 19.21
CA GLY B 307 -16.95 -4.43 19.45
C GLY B 307 -15.62 -3.84 19.88
N PRO B 308 -14.91 -4.47 20.82
CA PRO B 308 -13.56 -3.97 21.15
C PRO B 308 -12.62 -3.89 19.97
N ARG B 309 -12.70 -4.82 19.02
CA ARG B 309 -11.87 -4.74 17.83
C ARG B 309 -12.24 -3.52 17.00
N PHE B 310 -13.54 -3.23 16.86
CA PHE B 310 -13.95 -2.03 16.14
C PHE B 310 -13.48 -0.76 16.85
N LEU B 311 -13.56 -0.73 18.18
CA LEU B 311 -13.10 0.44 18.91
C LEU B 311 -11.59 0.64 18.74
N ALA B 312 -10.82 -0.45 18.79
CA ALA B 312 -9.38 -0.34 18.58
C ALA B 312 -9.08 0.14 17.16
N TYR B 313 -9.81 -0.36 16.17
CA TYR B 313 -9.60 0.10 14.80
C TYR B 313 -9.94 1.58 14.66
N PHE B 314 -11.05 2.01 15.25
CA PHE B 314 -11.42 3.42 15.18
C PHE B 314 -10.36 4.30 15.80
N GLY B 315 -9.87 3.91 16.99
CA GLY B 315 -8.83 4.71 17.63
C GLY B 315 -7.56 4.76 16.83
N SER B 316 -7.10 3.61 16.33
CA SER B 316 -5.86 3.57 15.56
C SER B 316 -5.99 4.36 14.27
N PHE B 317 -7.10 4.22 13.56
CA PHE B 317 -7.29 4.96 12.33
C PHE B 317 -7.35 6.45 12.59
N ALA B 318 -8.07 6.87 13.64
CA ALA B 318 -8.15 8.30 13.94
C ALA B 318 -6.78 8.87 14.28
N THR B 319 -6.02 8.17 15.11
CA THR B 319 -4.70 8.65 15.50
C THR B 319 -3.78 8.73 14.31
N VAL B 320 -3.70 7.65 13.53
CA VAL B 320 -2.78 7.62 12.41
C VAL B 320 -3.18 8.63 11.35
N GLY B 321 -4.49 8.81 11.12
CA GLY B 321 -4.93 9.82 10.19
C GLY B 321 -4.60 11.23 10.63
N LEU B 322 -4.72 11.51 11.93
CA LEU B 322 -4.38 12.83 12.43
C LEU B 322 -2.88 13.07 12.39
N LEU B 323 -2.09 12.04 12.70
CA LEU B 323 -0.64 12.17 12.57
C LEU B 323 -0.24 12.41 11.13
N TRP B 324 -0.88 11.70 10.19
CA TRP B 324 -0.61 11.95 8.78
C TRP B 324 -1.07 13.34 8.37
N PHE B 325 -2.15 13.84 8.96
CA PHE B 325 -2.59 15.20 8.66
C PHE B 325 -1.53 16.22 9.10
N ALA B 326 -0.98 16.03 10.29
CA ALA B 326 0.11 16.89 10.75
C ALA B 326 1.32 16.78 9.85
N HIS B 327 1.68 15.56 9.45
CA HIS B 327 2.81 15.35 8.55
C HIS B 327 2.58 16.01 7.20
N HIS B 328 1.38 15.88 6.65
CA HIS B 328 1.04 16.47 5.37
C HIS B 328 1.09 17.98 5.43
N SER B 329 0.57 18.56 6.52
CA SER B 329 0.64 20.01 6.68
C SER B 329 2.09 20.48 6.82
N LEU B 330 2.91 19.69 7.52
CA LEU B 330 4.33 20.03 7.65
C LEU B 330 5.02 20.01 6.31
N PHE B 331 4.77 18.99 5.50
CA PHE B 331 5.48 18.83 4.24
C PHE B 331 4.91 19.66 3.11
N LEU B 332 3.72 20.24 3.28
CA LEU B 332 3.23 21.19 2.30
C LEU B 332 4.00 22.51 2.35
N HIS B 333 4.78 22.74 3.40
CA HIS B 333 5.55 23.96 3.55
C HIS B 333 7.06 23.71 3.52
N VAL B 334 7.49 22.57 3.01
CA VAL B 334 8.91 22.22 2.96
C VAL B 334 9.40 22.41 1.52
N ARG B 335 10.45 23.22 1.35
CA ARG B 335 11.03 23.43 0.04
C ARG B 335 11.89 22.24 -0.37
N LYS B 336 12.80 21.82 0.49
CA LYS B 336 13.62 20.63 0.24
C LYS B 336 14.02 20.04 1.58
N ALA B 337 13.87 18.72 1.70
CA ALA B 337 14.09 18.03 2.97
C ALA B 337 15.53 17.53 3.04
N THR B 338 16.27 18.01 4.05
CA THR B 338 17.60 17.49 4.31
C THR B 338 17.53 16.07 4.86
N ARG B 339 18.67 15.39 4.87
CA ARG B 339 18.68 14.00 5.34
C ARG B 339 18.50 13.89 6.84
N ALA B 340 18.74 14.96 7.60
CA ALA B 340 18.40 14.95 9.01
C ALA B 340 16.90 14.83 9.19
N MET B 341 16.13 15.59 8.40
CA MET B 341 14.68 15.42 8.39
C MET B 341 14.30 14.02 7.91
N GLY B 342 15.08 13.45 7.00
CA GLY B 342 14.80 12.08 6.58
C GLY B 342 14.97 11.08 7.71
N LEU B 343 16.04 11.22 8.50
CA LEU B 343 16.24 10.34 9.64
C LEU B 343 15.14 10.52 10.69
N LEU B 344 14.78 11.76 10.97
CA LEU B 344 13.70 12.00 11.93
C LEU B 344 12.38 11.45 11.43
N ASN B 345 12.09 11.58 10.13
CA ASN B 345 10.88 11.00 9.57
C ASN B 345 10.90 9.48 9.64
N THR B 346 12.07 8.87 9.42
CA THR B 346 12.19 7.43 9.56
C THR B 346 11.86 7.00 10.98
N LEU B 347 12.42 7.69 11.98
CA LEU B 347 12.10 7.35 13.37
C LEU B 347 10.63 7.56 13.67
N SER B 348 10.06 8.65 13.16
CA SER B 348 8.64 8.93 13.39
C SER B 348 7.76 7.84 12.80
N LEU B 349 8.07 7.38 11.59
CA LEU B 349 7.28 6.31 10.99
C LEU B 349 7.49 4.98 11.72
N ALA B 350 8.71 4.72 12.18
CA ALA B 350 8.97 3.49 12.92
C ALA B 350 8.14 3.44 14.20
N PHE B 351 8.01 4.58 14.89
CA PHE B 351 7.19 4.61 16.10
C PHE B 351 5.71 4.73 15.80
N VAL B 352 5.35 5.26 14.62
CA VAL B 352 3.95 5.28 14.20
C VAL B 352 3.46 3.86 13.96
N GLY B 353 4.32 3.00 13.43
CA GLY B 353 3.93 1.63 13.17
C GLY B 353 3.51 0.84 14.39
N GLY B 354 3.86 1.30 15.59
CA GLY B 354 3.46 0.65 16.82
C GLY B 354 2.13 1.08 17.40
N LEU B 355 1.44 2.02 16.74
CA LEU B 355 0.14 2.47 17.24
C LEU B 355 -0.92 1.37 17.27
N PRO B 356 -1.10 0.56 16.22
CA PRO B 356 -2.13 -0.50 16.30
C PRO B 356 -1.93 -1.44 17.47
N LEU B 357 -0.68 -1.77 17.82
CA LEU B 357 -0.43 -2.60 18.98
C LEU B 357 -0.90 -1.91 20.26
N ALA B 358 -0.62 -0.61 20.39
CA ALA B 358 -1.05 0.12 21.57
C ALA B 358 -2.57 0.15 21.69
N TYR B 359 -3.25 0.35 20.57
CA TYR B 359 -4.70 0.42 20.59
C TYR B 359 -5.31 -0.95 20.88
N GLN B 360 -4.71 -1.99 20.34
CA GLN B 360 -5.15 -3.35 20.64
C GLN B 360 -4.98 -3.65 22.12
N GLN B 361 -3.86 -3.22 22.71
CA GLN B 361 -3.64 -3.44 24.13
C GLN B 361 -4.65 -2.69 24.98
N THR B 362 -4.90 -1.42 24.66
CA THR B 362 -5.84 -0.64 25.45
C THR B 362 -7.26 -1.18 25.34
N SER B 363 -7.68 -1.56 24.13
CA SER B 363 -9.03 -2.09 23.96
C SER B 363 -9.18 -3.50 24.50
N ALA B 364 -8.08 -4.16 24.87
CA ALA B 364 -8.14 -5.54 25.35
C ALA B 364 -8.67 -5.58 26.78
N PHE B 365 -8.85 -6.80 27.28
CA PHE B 365 -9.39 -7.01 28.62
C PHE B 365 -8.44 -6.46 29.68
N ALA B 366 -9.01 -5.97 30.77
CA ALA B 366 -8.26 -5.43 31.89
C ALA B 366 -8.38 -6.40 33.07
N ARG B 367 -7.37 -7.25 33.24
CA ARG B 367 -7.36 -8.17 34.38
C ARG B 367 -7.30 -7.41 35.70
N GLN B 368 -6.48 -6.37 35.77
CA GLN B 368 -6.34 -5.54 36.95
C GLN B 368 -6.26 -4.09 36.51
N PRO B 369 -6.71 -3.15 37.35
CA PRO B 369 -6.55 -1.73 37.00
C PRO B 369 -5.10 -1.32 36.77
N ARG B 370 -4.15 -1.96 37.46
CA ARG B 370 -2.74 -1.67 37.20
C ARG B 370 -2.36 -2.01 35.77
N ASP B 371 -2.93 -3.09 35.23
CA ASP B 371 -2.69 -3.41 33.83
C ASP B 371 -3.23 -2.33 32.91
N GLU B 372 -4.41 -1.77 33.23
CA GLU B 372 -4.94 -0.66 32.45
C GLU B 372 -4.04 0.56 32.53
N LEU B 373 -3.52 0.87 33.72
CA LEU B 373 -2.58 1.98 33.86
C LEU B 373 -1.35 1.76 32.98
N GLU B 374 -0.78 0.55 33.05
CA GLU B 374 0.42 0.26 32.28
C GLU B 374 0.16 0.36 30.77
N ARG B 375 -0.98 -0.17 30.31
CA ARG B 375 -1.26 -0.15 28.88
C ARG B 375 -1.55 1.26 28.40
N VAL B 376 -2.26 2.07 29.20
CA VAL B 376 -2.49 3.46 28.83
C VAL B 376 -1.17 4.21 28.76
N ARG B 377 -0.27 3.97 29.73
CA ARG B 377 1.03 4.63 29.72
C ARG B 377 1.84 4.23 28.49
N VAL B 378 1.80 2.94 28.12
CA VAL B 378 2.55 2.48 26.95
C VAL B 378 2.01 3.11 25.68
N SER B 379 0.67 3.16 25.54
CA SER B 379 0.08 3.80 24.36
C SER B 379 0.45 5.28 24.31
N CYS B 380 0.40 5.96 25.46
CA CYS B 380 0.76 7.37 25.50
C CYS B 380 2.22 7.57 25.11
N THR B 381 3.11 6.69 25.57
CA THR B 381 4.51 6.78 25.21
C THR B 381 4.71 6.60 23.71
N ILE B 382 4.03 5.63 23.11
CA ILE B 382 4.18 5.39 21.67
C ILE B 382 3.69 6.60 20.89
N ILE B 383 2.53 7.13 21.25
CA ILE B 383 2.00 8.31 20.57
C ILE B 383 2.95 9.50 20.75
N PHE B 384 3.46 9.68 21.96
CA PHE B 384 4.34 10.79 22.25
C PHE B 384 5.61 10.73 21.41
N LEU B 385 6.21 9.54 21.29
CA LEU B 385 7.40 9.42 20.46
C LEU B 385 7.08 9.67 19.00
N ALA B 386 5.99 9.06 18.50
CA ALA B 386 5.65 9.19 17.09
C ALA B 386 5.38 10.63 16.70
N SER B 387 4.85 11.43 17.63
CA SER B 387 4.58 12.83 17.31
C SER B 387 5.75 13.76 17.65
N ILE B 388 6.54 13.41 18.68
CA ILE B 388 7.67 14.25 19.04
C ILE B 388 8.76 14.16 18.00
N PHE B 389 8.82 13.06 17.24
CA PHE B 389 9.79 13.03 16.16
C PHE B 389 9.37 13.92 14.99
N GLN B 390 8.07 14.03 14.74
CA GLN B 390 7.59 15.04 13.77
C GLN B 390 7.89 16.44 14.27
N LEU B 391 7.70 16.70 15.56
CA LEU B 391 8.03 18.00 16.11
C LEU B 391 9.52 18.30 15.99
N ALA B 392 10.36 17.29 16.22
CA ALA B 392 11.80 17.46 16.05
C ALA B 392 12.16 17.76 14.60
N MET B 393 11.50 17.08 13.67
CA MET B 393 11.68 17.41 12.25
C MET B 393 11.34 18.86 11.98
N TRP B 394 10.22 19.32 12.55
CA TRP B 394 9.79 20.70 12.33
C TRP B 394 10.82 21.69 12.89
N THR B 395 11.31 21.43 14.10
CA THR B 395 12.32 22.32 14.69
C THR B 395 13.61 22.31 13.88
N THR B 396 14.06 21.13 13.44
CA THR B 396 15.26 21.04 12.64
C THR B 396 15.11 21.81 11.33
N ALA B 397 13.95 21.71 10.68
CA ALA B 397 13.71 22.49 9.49
C ALA B 397 13.66 23.99 9.81
N LEU B 398 13.15 24.35 10.99
CA LEU B 398 13.17 25.75 11.41
C LEU B 398 14.59 26.27 11.58
N LEU B 399 15.53 25.39 11.97
CA LEU B 399 16.92 25.81 12.10
C LEU B 399 17.47 26.34 10.79
N HIS B 400 17.14 25.69 9.68
CA HIS B 400 17.54 26.11 8.35
C HIS B 400 16.36 26.63 7.54
N GLN B 401 15.50 27.43 8.19
CA GLN B 401 14.25 27.86 7.58
C GLN B 401 14.45 28.63 6.28
N ALA B 402 15.64 29.18 6.06
CA ALA B 402 15.88 29.96 4.84
C ALA B 402 15.74 29.09 3.60
N GLU B 403 16.25 27.86 3.64
CA GLU B 403 16.28 26.99 2.47
C GLU B 403 15.41 25.75 2.60
N THR B 404 14.77 25.52 3.75
CA THR B 404 13.98 24.32 3.94
C THR B 404 12.48 24.58 4.11
N LEU B 405 12.09 25.82 4.41
CA LEU B 405 10.70 26.15 4.67
C LEU B 405 10.24 27.30 3.79
N GLN B 406 8.95 27.31 3.48
CA GLN B 406 8.35 28.41 2.75
C GLN B 406 8.33 29.65 3.62
N PRO B 407 8.27 30.84 3.01
CA PRO B 407 8.28 32.07 3.80
C PRO B 407 7.13 32.19 4.78
N SER B 408 6.01 31.51 4.52
CA SER B 408 4.85 31.63 5.41
C SER B 408 5.11 31.02 6.78
N VAL B 409 5.89 29.95 6.85
CA VAL B 409 6.11 29.22 8.08
C VAL B 409 7.47 29.55 8.71
N TRP B 410 8.07 30.68 8.33
CA TRP B 410 9.29 31.13 8.98
C TRP B 410 8.99 31.67 10.37
N PHE B 411 10.05 31.91 11.14
CA PHE B 411 9.90 32.48 12.47
C PHE B 411 9.20 33.83 12.40
N GLY B 412 8.09 33.94 13.13
CA GLY B 412 7.26 35.12 13.06
C GLY B 412 6.41 35.22 11.81
N GLY B 413 6.26 34.12 11.07
CA GLY B 413 5.49 34.13 9.84
C GLY B 413 4.00 34.06 10.08
N ARG B 414 3.26 34.05 8.97
CA ARG B 414 1.80 34.03 9.03
C ARG B 414 1.29 32.72 9.62
N GLU B 415 1.87 31.59 9.22
CA GLU B 415 1.39 30.27 9.59
C GLU B 415 2.32 29.59 10.59
N HIS B 416 3.32 30.30 11.10
CA HIS B 416 4.31 29.70 11.98
C HIS B 416 3.67 29.12 13.24
N VAL B 417 2.88 29.94 13.94
CA VAL B 417 2.26 29.48 15.19
C VAL B 417 1.23 28.40 14.91
N LEU B 418 0.48 28.53 13.81
CA LEU B 418 -0.51 27.52 13.47
C LEU B 418 0.14 26.16 13.24
N MET B 419 1.25 26.15 12.49
CA MET B 419 1.94 24.88 12.23
C MET B 419 2.59 24.35 13.50
N PHE B 420 3.12 25.24 14.35
CA PHE B 420 3.67 24.81 15.62
C PHE B 420 2.62 24.11 16.47
N ALA B 421 1.43 24.71 16.56
CA ALA B 421 0.35 24.09 17.31
C ALA B 421 -0.09 22.78 16.67
N LYS B 422 -0.14 22.74 15.34
CA LYS B 422 -0.56 21.53 14.65
C LYS B 422 0.38 20.37 14.94
N LEU B 423 1.69 20.64 14.97
CA LEU B 423 2.65 19.57 15.22
C LEU B 423 2.87 19.31 16.71
N ALA B 424 2.46 20.21 17.59
CA ALA B 424 2.60 20.01 19.03
C ALA B 424 1.30 19.58 19.70
N LEU B 425 0.20 19.47 18.96
CA LEU B 425 -1.05 19.02 19.56
C LEU B 425 -0.91 17.65 20.19
N TYR B 426 -0.28 16.72 19.49
CA TYR B 426 -0.24 15.33 19.93
C TYR B 426 0.83 15.09 21.01
N PRO B 427 2.04 15.63 20.89
CA PRO B 427 3.03 15.41 21.96
C PRO B 427 2.57 15.94 23.31
N CYS B 428 2.04 17.17 23.35
CA CYS B 428 1.55 17.70 24.62
C CYS B 428 0.38 16.89 25.16
N ALA B 429 -0.54 16.48 24.28
CA ALA B 429 -1.68 15.69 24.72
C ALA B 429 -1.23 14.37 25.35
N SER B 430 -0.30 13.69 24.69
CA SER B 430 0.24 12.45 25.25
C SER B 430 0.97 12.70 26.57
N LEU B 431 1.68 13.82 26.65
CA LEU B 431 2.41 14.14 27.88
C LEU B 431 1.46 14.37 29.05
N LEU B 432 0.38 15.13 28.83
CA LEU B 432 -0.59 15.34 29.92
C LEU B 432 -1.31 14.05 30.26
N ALA B 433 -1.62 13.21 29.27
CA ALA B 433 -2.25 11.94 29.58
C ALA B 433 -1.34 11.06 30.43
N PHE B 434 -0.05 11.01 30.08
CA PHE B 434 0.90 10.22 30.85
C PHE B 434 1.05 10.78 32.25
N ALA B 435 1.07 12.12 32.39
CA ALA B 435 1.15 12.74 33.71
C ALA B 435 -0.08 12.42 34.54
N SER B 436 -1.26 12.42 33.92
CA SER B 436 -2.48 12.09 34.64
C SER B 436 -2.50 10.63 35.06
N THR B 437 -1.87 9.75 34.28
CA THR B 437 -1.79 8.35 34.68
C THR B 437 -1.03 8.18 35.99
N CYS B 438 -0.23 9.16 36.40
CA CYS B 438 0.48 9.11 37.67
C CYS B 438 -0.12 10.02 38.73
N LEU B 439 -0.77 11.11 38.32
CA LEU B 439 -1.37 12.06 39.27
C LEU B 439 -2.85 11.79 39.49
N LEU B 440 -3.59 11.51 38.42
CA LEU B 440 -5.02 11.25 38.51
C LEU B 440 -5.32 9.83 38.00
N SER B 441 -4.55 8.86 38.47
CA SER B 441 -4.65 7.50 37.94
C SER B 441 -6.05 6.92 38.04
N ARG B 442 -6.83 7.35 39.03
CA ARG B 442 -8.18 6.82 39.20
C ARG B 442 -9.03 7.03 37.95
N PHE B 443 -8.81 8.14 37.25
CA PHE B 443 -9.55 8.47 36.04
C PHE B 443 -8.71 8.25 34.78
N SER B 444 -7.58 7.55 34.93
CA SER B 444 -6.58 7.50 33.86
C SER B 444 -7.20 7.10 32.52
N VAL B 445 -7.73 5.89 32.44
CA VAL B 445 -8.30 5.43 31.17
C VAL B 445 -9.37 6.42 30.69
N GLY B 446 -10.18 6.93 31.61
CA GLY B 446 -11.19 7.91 31.22
C GLY B 446 -10.58 9.09 30.50
N ILE B 447 -9.57 9.73 31.11
CA ILE B 447 -8.98 10.88 30.46
C ILE B 447 -8.34 10.45 29.15
N PHE B 448 -7.79 9.23 29.10
CA PHE B 448 -7.24 8.73 27.84
C PHE B 448 -8.32 8.73 26.77
N HIS B 449 -9.49 8.19 27.09
CA HIS B 449 -10.60 8.22 26.14
C HIS B 449 -10.97 9.66 25.82
N LEU B 450 -10.98 10.53 26.83
CA LEU B 450 -11.24 11.94 26.59
C LEU B 450 -10.24 12.51 25.59
N MET B 451 -8.97 12.10 25.70
CA MET B 451 -7.97 12.54 24.73
C MET B 451 -8.36 12.10 23.33
N GLN B 452 -8.80 10.85 23.18
CA GLN B 452 -9.20 10.35 21.86
C GLN B 452 -10.37 11.15 21.32
N ILE B 453 -11.15 11.79 22.20
CA ILE B 453 -12.24 12.65 21.75
C ILE B 453 -11.74 14.07 21.58
N ALA B 454 -10.81 14.51 22.45
CA ALA B 454 -10.40 15.90 22.44
C ALA B 454 -9.50 16.23 21.26
N VAL B 455 -8.55 15.34 20.94
CA VAL B 455 -7.54 15.65 19.93
C VAL B 455 -8.15 15.88 18.55
N PRO B 456 -9.02 15.01 18.01
CA PRO B 456 -9.63 15.32 16.71
C PRO B 456 -10.37 16.64 16.69
N CYS B 457 -11.15 16.92 17.73
CA CYS B 457 -11.85 18.21 17.81
C CYS B 457 -10.86 19.36 17.84
N ALA B 458 -9.78 19.21 18.61
CA ALA B 458 -8.72 20.22 18.61
C ALA B 458 -8.14 20.41 17.22
N PHE B 459 -8.11 19.33 16.43
CA PHE B 459 -7.65 19.47 15.04
C PHE B 459 -8.71 20.15 14.18
N LEU B 460 -9.99 19.92 14.49
CA LEU B 460 -11.06 20.56 13.74
C LEU B 460 -11.08 22.07 13.98
N LEU B 461 -10.87 22.50 15.22
CA LEU B 461 -10.90 23.91 15.59
C LEU B 461 -9.52 24.43 15.96
N LEU B 462 -8.48 23.98 15.27
CA LEU B 462 -7.13 24.40 15.60
C LEU B 462 -6.94 25.89 15.35
N ARG B 463 -7.48 26.39 14.24
CA ARG B 463 -7.33 27.82 13.95
C ARG B 463 -8.03 28.67 15.01
N LEU B 464 -9.20 28.23 15.47
CA LEU B 464 -9.89 28.95 16.53
C LEU B 464 -9.08 28.95 17.82
N LEU B 465 -8.48 27.81 18.16
CA LEU B 465 -7.67 27.74 19.37
C LEU B 465 -6.44 28.63 19.26
N VAL B 466 -5.80 28.65 18.09
CA VAL B 466 -4.63 29.50 17.89
C VAL B 466 -5.02 30.97 17.98
N GLY B 467 -6.17 31.33 17.40
CA GLY B 467 -6.64 32.70 17.53
C GLY B 467 -6.95 33.09 18.96
N LEU B 468 -7.52 32.16 19.73
CA LEU B 468 -7.78 32.41 21.14
C LEU B 468 -6.48 32.62 21.91
N ALA B 469 -5.48 31.79 21.63
CA ALA B 469 -4.18 31.97 22.28
C ALA B 469 -3.55 33.29 21.90
N LEU B 470 -3.67 33.69 20.63
CA LEU B 470 -3.14 34.97 20.19
C LEU B 470 -3.84 36.13 20.88
N ALA B 471 -5.16 36.03 21.05
CA ALA B 471 -5.88 37.07 21.77
C ALA B 471 -5.46 37.12 23.23
N THR B 472 -5.23 35.95 23.85
CA THR B 472 -4.77 35.90 25.23
C THR B 472 -3.40 36.56 25.37
N LEU B 473 -2.51 36.32 24.41
CA LEU B 473 -1.21 36.99 24.41
C LEU B 473 -1.38 38.49 24.19
N ARG B 474 -2.33 38.87 23.34
CA ARG B 474 -2.53 40.27 23.04
C ARG B 474 -2.99 41.03 24.30
N VAL B 475 -3.94 40.46 25.03
CA VAL B 475 -4.42 41.14 26.23
C VAL B 475 -3.40 41.08 27.35
N LEU B 476 -2.42 40.18 27.25
CA LEU B 476 -1.36 40.08 28.24
C LEU B 476 -0.16 40.93 27.83
C6 YN9 C . -26.14 22.37 1.17
C5 YN9 C . -25.87 21.09 1.98
C4 YN9 C . -26.01 16.59 3.77
C3 YN9 C . -28.96 16.08 4.06
O3 YN9 C . -29.46 21.77 0.55
C2 YN9 C . -26.61 16.00 5.04
O2 YN9 C . -28.50 23.25 -0.75
C1 YN9 C . -27.97 15.75 5.17
O1 YN9 C . -25.14 17.61 4.14
C10 YN9 C . -29.29 15.18 3.07
C11 YN9 C . -29.54 17.34 4.08
C12 YN9 C . -27.54 22.94 1.46
C13 YN9 C . -24.73 20.99 2.74
C14 YN9 C . -26.75 20.04 1.94
C15 YN9 C . -24.47 19.84 3.46
C16 YN9 C . -26.51 18.89 2.66
C17 YN9 C . -30.77 16.82 2.11
C18 YN9 C . -27.61 14.91 7.38
C19 YN9 C . -26.26 15.16 7.25
C20 YN9 C . -30.20 15.56 2.09
C21 YN9 C . -30.44 17.72 3.10
C22 YN9 C . -31.76 17.23 1.03
C23 YN9 C . -28.57 22.63 0.36
C7 YN9 C . -28.46 15.21 6.34
C8 YN9 C . -25.76 15.70 6.08
C9 YN9 C . -25.38 18.79 3.42
F1 YN9 C . -25.40 14.85 8.28
C1 CLR D . -34.65 14.93 -0.34
C2 CLR D . -35.15 15.62 -1.61
C3 CLR D . -34.03 15.97 -2.58
C4 CLR D . -33.31 14.70 -2.98
C5 CLR D . -32.87 14.00 -1.72
C6 CLR D . -31.58 13.70 -1.55
C7 CLR D . -31.19 12.40 -0.89
C8 CLR D . -32.13 12.06 0.24
C9 CLR D . -33.09 13.20 0.56
C10 CLR D . -33.87 13.67 -0.66
C11 CLR D . -34.01 12.78 1.70
C12 CLR D . -33.25 12.28 2.94
C13 CLR D . -32.24 11.19 2.57
C14 CLR D . -31.36 11.76 1.51
C15 CLR D . -30.18 10.82 1.40
C16 CLR D . -29.99 10.34 2.85
C17 CLR D . -31.21 10.80 3.63
C18 CLR D . -32.96 9.93 2.09
C19 CLR D . -34.83 12.57 -1.13
C20 CLR D . -31.63 9.74 4.64
C21 CLR D . -32.38 10.30 5.84
C22 CLR D . -30.39 9.02 5.12
C23 CLR D . -30.35 9.00 6.65
C24 CLR D . -30.00 7.60 7.14
C25 CLR D . -30.19 7.44 8.64
C26 CLR D . -30.72 6.04 8.96
C27 CLR D . -28.88 7.71 9.37
O1 CLR D . -34.59 16.58 -3.74
C10 A1ETE E . -10.38 10.93 11.15
C13 A1ETE E . -11.49 13.19 12.75
C15 A1ETE E . -12.55 10.20 15.59
C17 A1ETE E . -12.60 8.71 17.54
C20 A1ETE E . -12.27 6.16 19.94
C21 A1ETE E . -13.36 5.14 20.41
C22 A1ETE E . -13.93 5.58 21.78
O01 A1ETE E . -14.77 9.92 12.85
C02 A1ETE E . -14.03 10.21 13.72
C03 A1ETE E . -12.95 11.59 13.88
C04 A1ETE E . -13.67 12.96 14.25
C05 A1ETE E . -14.85 12.84 15.26
C06 A1ETE E . -14.81 14.03 16.25
C07 A1ETE E . -14.48 15.33 15.51
C08 A1ETE E . -12.21 11.82 12.65
C09 A1ETE E . -11.13 10.70 12.42
C11 A1ETE E . -9.62 12.22 11.28
C12 A1ETE E . -10.56 13.40 11.52
C14 A1ETE E . -12.16 11.10 14.89
C16 A1ETE E . -12.08 9.62 16.96
O18 A1ETE E . -12.06 8.30 18.77
C19 A1ETE E . -12.96 7.51 19.52
N23 A1ETE E . -15.19 5.33 22.27
N24 A1ETE E . -15.23 5.95 23.57
N25 A1ETE E . -13.98 6.51 23.75
N26 A1ETE E . -13.31 6.25 22.69
C27 A1ETE E . -13.42 8.17 17.22
C29 A1ETE E . -14.01 8.34 16.22
C31 A1ETE E . -13.72 9.38 15.21
F28 A1ETE E . -13.81 7.18 18.04
F30 A1ETE E . -15.07 7.53 15.96
C10 A1ETE F . 10.88 -9.50 -12.75
C13 A1ETE F . 13.28 -10.42 -14.22
C15 A1ETE F . 11.69 -14.55 -12.90
C17 A1ETE F . 10.79 -16.78 -12.43
C20 A1ETE F . 10.20 -20.19 -12.26
C21 A1ETE F . 11.45 -21.09 -12.53
C22 A1ETE F . 11.08 -22.53 -12.11
O01 A1ETE F . 14.59 -13.22 -11.44
C02 A1ETE F . 13.68 -13.56 -12.09
C03 A1ETE F . 12.90 -12.72 -13.40
C04 A1ETE F . 13.71 -12.86 -14.75
C05 A1ETE F . 14.50 -14.20 -14.90
C06 A1ETE F . 14.85 -14.42 -16.39
C07 A1ETE F . 15.36 -13.10 -16.98
C08 A1ETE F . 12.68 -11.31 -13.09
C09 A1ETE F . 11.15 -10.96 -13.02
C11 A1ETE F . 11.48 -8.64 -13.84
C12 A1ETE F . 12.98 -8.90 -14.00
C14 A1ETE F . 11.73 -13.45 -13.39
C16 A1ETE F . 10.68 -15.73 -13.01
O18 A1ETE F . 9.82 -17.79 -12.59
C19 A1ETE F . 10.34 -18.94 -13.18
N23 A1ETE F . 11.94 -23.53 -11.72
N24 A1ETE F . 11.11 -24.66 -11.43
N25 A1ETE F . 9.82 -24.25 -11.66
N26 A1ETE F . 9.89 -23.03 -12.04
C27 A1ETE F . 11.55 -17.06 -11.83
C29 A1ETE F . 12.48 -16.41 -11.54
C31 A1ETE F . 12.74 -15.03 -12.00
F28 A1ETE F . 11.41 -18.31 -11.33
F30 A1ETE F . 13.37 -16.98 -10.71
K K G . -1.34 -4.48 2.22
K K H . -1.70 -8.84 5.36
C6 YN9 I . 30.57 -0.95 -14.88
C5 YN9 I . 29.81 -2.05 -14.13
C4 YN9 I . 28.42 -5.21 -10.75
C3 YN9 I . 31.28 -5.99 -9.92
O3 YN9 I . 34.16 -0.73 -15.66
C2 YN9 I . 28.88 -6.66 -10.60
O2 YN9 I . 32.46 0.33 -16.50
C1 YN9 I . 30.17 -7.02 -10.22
O1 YN9 I . 27.82 -5.04 -12.01
C10 YN9 I . 31.71 -5.82 -8.62
C11 YN9 I . 31.87 -5.29 -10.94
C12 YN9 I . 32.05 -0.98 -14.51
C13 YN9 I . 30.00 -2.19 -12.76
C14 YN9 I . 28.96 -2.92 -14.79
C15 YN9 I . 29.33 -3.18 -12.07
C16 YN9 I . 28.29 -3.91 -14.10
C17 YN9 I . 33.30 -4.19 -9.38
C18 YN9 I . 29.58 -9.34 -10.36
C19 YN9 I . 28.29 -8.99 -10.74
C20 YN9 I . 32.73 -4.91 -8.37
C21 YN9 I . 32.87 -4.36 -10.68
C22 YN9 I . 34.42 -3.18 -9.07
C23 YN9 I . 32.94 -0.43 -15.62
C7 YN9 I . 30.51 -8.35 -10.10
C8 YN9 I . 27.96 -7.65 -10.86
C9 YN9 I . 28.48 -4.04 -12.74
F1 YN9 I . 27.36 -9.95 -11.00
C1 CLR J . 37.18 -3.91 -6.03
C2 CLR J . 38.19 -2.80 -5.80
C3 CLR J . 37.49 -1.48 -5.58
C4 CLR J . 36.72 -1.59 -4.27
C5 CLR J . 35.76 -2.76 -4.32
C6 CLR J . 34.51 -2.57 -3.87
C7 CLR J . 33.38 -3.49 -4.25
C8 CLR J . 33.89 -4.90 -4.35
C9 CLR J . 35.06 -4.95 -5.32
C10 CLR J . 36.23 -4.10 -4.85
C11 CLR J . 35.54 -6.39 -5.52
C12 CLR J . 34.44 -7.42 -5.76
C13 CLR J . 33.30 -7.29 -4.76
C14 CLR J . 32.82 -5.87 -4.83
C15 CLR J . 31.50 -5.88 -4.10
C16 CLR J . 30.92 -7.26 -4.39
C17 CLR J . 32.03 -8.07 -5.05
C18 CLR J . 33.77 -7.64 -3.34
C19 CLR J . 36.96 -4.83 -3.73
C20 CLR J . 32.02 -9.52 -4.56
C21 CLR J . 32.56 -10.50 -5.59
C22 CLR J . 30.60 -9.94 -4.22
C23 CLR J . 30.23 -11.18 -5.04
C24 CLR J . 29.21 -12.02 -4.28
C25 CLR J . 28.98 -13.38 -4.92
C26 CLR J . 30.31 -14.06 -5.22
C27 CLR J . 28.10 -14.24 -4.02
O1 CLR J . 38.43 -0.40 -5.50
K K K . -5.91 -16.05 8.70
#